data_8P75
#
_entry.id   8P75
#
_cell.length_a   1.00
_cell.length_b   1.00
_cell.length_c   1.00
_cell.angle_alpha   90.00
_cell.angle_beta   90.00
_cell.angle_gamma   90.00
#
_symmetry.space_group_name_H-M   'P 1'
#
loop_
_entity.id
_entity.type
_entity.pdbx_description
1 polymer 'CDK-activating kinase assembly factor MAT1'
2 polymer Cyclin-H
3 polymer 'Cyclin-dependent kinase 7'
4 non-polymer (2S,3S)-3-[[7-[(2-bromophenyl)methylamino]-3-propan-2-yl-pyrazolo[1,5-a]pyrimidin-5-yl]amino]butane-1,2,4-triol
5 water water
#
loop_
_entity_poly.entity_id
_entity_poly.type
_entity_poly.pdbx_seq_one_letter_code
_entity_poly.pdbx_strand_id
1 'polypeptide(L)'
;SNAPVTFSTGIKMGQHISLAPIHKLEEALYEYQPLQIETYGPHVPELEMLGRLGYLNHVRAASPQDLAGGYTSSLACHRA
LQDAFSGLFWQPS
;
H
2 'polypeptide(L)'
;(ACE)MYHNSSQKRHWTFSSEEQLARLRADANRKFRCKAVANGKVLPNDPVFLEPHEEMTLCKYYEKRLLEFCSVFKPAM
PRSVVGTACMYFKRFYLNNSVMEYHPRIIMLTCAFLACKVDEFNVSSPQFVGNLRESPLGQEKALEQILEYELLLIQQLN
FHLIVHNPYRPFEGFLIDLKTRYPILENPEILRKTADDFLNRIALTDAYLLYTPSQIALTAILSSASRAGITMESYLSES
LMLKENRTCLSQLLDIMKSMRNLVKKYEPPRSEEVAVLKQKLERCHSAELALNVITKKRKGYEDDDYVSKKSKHEEEEWT
DDDLVESL
;
I
3 'polypeptide(L)'
;SNAMALDVKSRAKRYEKLDFLGEGQFATVYKARDKNTNQIVAIKKIKLGHRSEAKDGINRTALREIKLLQELSHPNIIGL
LDAFGHKSNISLVFDFMETDLEVIIKDNSLVLTPSHIKAYMLMTLQGLEYLHQHWILHRDLKPNNLLLDENGVLKLADFG
LAKSFGSPNRAYTHQVVTRWYRAPELLFGARMYGVGVDMWAVGCILAELLLRVPFLPGDSDLDQLTRIFETLGTPTEEQW
PDMCSLPDYVTFKSFPGIPLHHIFSAAGDDLLDLIQGLFLFNPCARITATQALKMKYFSNRPGPTPGCQLPRPNCPVETL
KEQSNPALAIKRKRTEALEQGGLPKKLIF
;
J
#
loop_
_chem_comp.id
_chem_comp.type
_chem_comp.name
_chem_comp.formula
ACE non-polymer 'ACETYL GROUP' 'C2 H4 O'
X3Z non-polymer (2S,3S)-3-[[7-[(2-bromophenyl)methylamino]-3-propan-2-yl-pyrazolo[1,5-a]pyrimidin-5-yl]amino]butane-1,2,4-triol 'C20 H26 Br N5 O3'
#
# COMPACT_ATOMS: atom_id res chain seq x y z
N ALA A 28 -10.65 -33.29 7.99
CA ALA A 28 -9.75 -33.02 6.88
C ALA A 28 -10.36 -32.00 5.92
N LEU A 29 -11.57 -31.55 6.24
CA LEU A 29 -12.25 -30.58 5.40
C LEU A 29 -11.76 -29.18 5.75
N TYR A 30 -12.31 -28.18 5.08
CA TYR A 30 -11.98 -26.78 5.31
C TYR A 30 -13.12 -26.11 6.06
N GLU A 31 -12.78 -25.37 7.10
CA GLU A 31 -13.73 -24.53 7.82
C GLU A 31 -13.19 -23.11 7.81
N TYR A 32 -13.99 -22.17 7.31
CA TYR A 32 -13.54 -20.79 7.25
C TYR A 32 -13.31 -20.24 8.65
N GLN A 33 -12.24 -19.46 8.79
CA GLN A 33 -11.94 -18.75 10.02
C GLN A 33 -11.55 -17.32 9.66
N PRO A 34 -12.19 -16.32 10.26
CA PRO A 34 -11.90 -14.94 9.87
C PRO A 34 -10.46 -14.54 10.19
N LEU A 35 -9.93 -13.65 9.37
CA LEU A 35 -8.56 -13.16 9.55
C LEU A 35 -8.48 -12.36 10.84
N GLN A 36 -7.78 -12.90 11.84
CA GLN A 36 -7.70 -12.29 13.16
C GLN A 36 -6.39 -11.52 13.25
N ILE A 37 -6.45 -10.24 12.90
CA ILE A 37 -5.28 -9.36 12.95
C ILE A 37 -5.58 -8.24 13.94
N GLU A 38 -4.66 -8.03 14.87
CA GLU A 38 -4.84 -7.01 15.90
C GLU A 38 -4.65 -5.62 15.31
N THR A 39 -5.63 -4.75 15.53
CA THR A 39 -5.55 -3.37 15.07
C THR A 39 -5.06 -2.41 16.15
N TYR A 40 -5.05 -2.85 17.41
CA TYR A 40 -4.65 -2.01 18.54
C TYR A 40 -5.45 -0.70 18.56
N GLY A 41 -6.75 -0.81 18.31
CA GLY A 41 -7.62 0.33 18.30
C GLY A 41 -9.08 -0.06 18.41
N PRO A 42 -9.97 0.93 18.39
CA PRO A 42 -11.41 0.64 18.49
C PRO A 42 -11.89 -0.22 17.33
N HIS A 43 -12.91 -1.03 17.61
CA HIS A 43 -13.47 -1.90 16.58
C HIS A 43 -14.18 -1.08 15.52
N VAL A 44 -13.87 -1.36 14.26
CA VAL A 44 -14.48 -0.65 13.12
C VAL A 44 -15.74 -1.40 12.71
N PRO A 45 -16.86 -0.72 12.50
CA PRO A 45 -18.08 -1.41 12.08
C PRO A 45 -17.91 -2.04 10.70
N GLU A 46 -18.64 -3.13 10.48
CA GLU A 46 -18.53 -3.89 9.24
C GLU A 46 -18.97 -3.04 8.05
N LEU A 47 -18.46 -3.40 6.88
CA LEU A 47 -18.67 -2.60 5.67
C LEU A 47 -20.15 -2.50 5.33
N GLU A 48 -20.87 -3.61 5.39
CA GLU A 48 -22.28 -3.61 5.01
C GLU A 48 -23.15 -2.83 6.00
N MET A 49 -22.65 -2.56 7.19
CA MET A 49 -23.40 -1.85 8.22
C MET A 49 -23.17 -0.36 8.21
N LEU A 50 -22.27 0.15 7.37
CA LEU A 50 -21.94 1.57 7.37
C LEU A 50 -23.15 2.41 6.96
N GLY A 51 -23.89 1.97 5.94
CA GLY A 51 -25.09 2.69 5.54
C GLY A 51 -26.17 2.64 6.60
N ARG A 52 -26.39 1.48 7.21
CA ARG A 52 -27.42 1.34 8.21
C ARG A 52 -27.09 2.13 9.48
N LEU A 53 -25.80 2.30 9.78
CA LEU A 53 -25.38 3.03 10.96
C LEU A 53 -25.20 4.52 10.72
N GLY A 54 -25.31 4.98 9.48
CA GLY A 54 -25.27 6.39 9.18
C GLY A 54 -23.92 6.97 8.79
N TYR A 55 -22.89 6.14 8.65
CA TYR A 55 -21.58 6.67 8.28
C TYR A 55 -21.60 7.25 6.87
N LEU A 56 -22.27 6.57 5.94
CA LEU A 56 -22.22 6.93 4.53
C LEU A 56 -22.84 8.28 4.24
N ASN A 57 -23.64 8.83 5.16
CA ASN A 57 -24.17 10.17 4.97
C ASN A 57 -23.10 11.24 5.09
N HIS A 58 -21.88 10.89 5.51
CA HIS A 58 -20.80 11.84 5.67
C HIS A 58 -19.61 11.54 4.74
N VAL A 59 -19.83 10.74 3.70
CA VAL A 59 -18.85 10.55 2.65
C VAL A 59 -19.53 10.83 1.31
N ARG A 60 -18.76 11.32 0.36
CA ARG A 60 -19.32 11.72 -0.93
C ARG A 60 -19.88 10.51 -1.66
N ALA A 61 -21.04 10.69 -2.29
CA ALA A 61 -21.70 9.60 -2.99
C ALA A 61 -20.91 9.17 -4.21
N ALA A 62 -20.89 7.87 -4.47
CA ALA A 62 -20.21 7.34 -5.64
C ALA A 62 -21.01 7.62 -6.91
N SER A 63 -20.31 8.03 -7.96
CA SER A 63 -20.95 8.31 -9.23
C SER A 63 -21.42 7.03 -9.90
N PRO A 64 -22.34 7.13 -10.86
CA PRO A 64 -22.78 5.91 -11.58
C PRO A 64 -21.64 5.15 -12.24
N GLN A 65 -20.63 5.86 -12.76
CA GLN A 65 -19.46 5.19 -13.30
C GLN A 65 -18.71 4.42 -12.21
N ASP A 66 -18.57 5.04 -11.04
CA ASP A 66 -17.94 4.36 -9.90
C ASP A 66 -18.67 3.06 -9.57
N LEU A 67 -20.00 3.13 -9.45
CA LEU A 67 -20.79 1.96 -9.12
C LEU A 67 -20.67 0.90 -10.22
N ALA A 68 -20.68 1.34 -11.48
CA ALA A 68 -20.54 0.39 -12.59
C ALA A 68 -19.21 -0.34 -12.53
N GLY A 69 -18.14 0.37 -12.16
CA GLY A 69 -16.85 -0.28 -12.00
C GLY A 69 -16.72 -1.13 -10.75
N GLY A 70 -17.67 -1.03 -9.82
CA GLY A 70 -17.60 -1.78 -8.58
C GLY A 70 -17.12 -0.99 -7.38
N TYR A 71 -16.81 0.29 -7.56
CA TYR A 71 -16.35 1.13 -6.46
C TYR A 71 -17.54 1.80 -5.80
N THR A 72 -17.66 1.64 -4.49
CA THR A 72 -18.72 2.24 -3.70
C THR A 72 -18.13 3.10 -2.60
N SER A 73 -18.91 4.09 -2.15
CA SER A 73 -18.45 4.96 -1.09
C SER A 73 -18.26 4.22 0.22
N SER A 74 -18.86 3.03 0.36
CA SER A 74 -18.64 2.21 1.54
C SER A 74 -17.16 1.83 1.66
N LEU A 75 -16.50 1.57 0.54
CA LEU A 75 -15.08 1.22 0.58
C LEU A 75 -14.24 2.37 1.13
N ALA A 76 -14.48 3.59 0.63
CA ALA A 76 -13.73 4.74 1.11
C ALA A 76 -14.00 4.98 2.60
N CYS A 77 -15.26 4.90 3.00
CA CYS A 77 -15.60 5.10 4.42
C CYS A 77 -14.92 4.04 5.30
N HIS A 78 -14.96 2.78 4.86
CA HIS A 78 -14.37 1.70 5.64
C HIS A 78 -12.86 1.88 5.77
N ARG A 79 -12.20 2.25 4.68
CA ARG A 79 -10.75 2.47 4.74
C ARG A 79 -10.42 3.64 5.66
N ALA A 80 -11.18 4.73 5.57
CA ALA A 80 -10.91 5.89 6.42
C ALA A 80 -11.09 5.54 7.90
N LEU A 81 -12.15 4.82 8.24
CA LEU A 81 -12.37 4.43 9.63
C LEU A 81 -11.30 3.46 10.12
N GLN A 82 -10.90 2.50 9.27
CA GLN A 82 -9.89 1.54 9.66
C GLN A 82 -8.56 2.23 9.94
N ASP A 83 -8.20 3.23 9.13
CA ASP A 83 -6.96 3.96 9.39
C ASP A 83 -7.11 4.93 10.56
N ALA A 84 -8.31 5.44 10.81
CA ALA A 84 -8.53 6.27 11.99
C ALA A 84 -8.31 5.46 13.27
N PHE A 85 -8.77 4.21 13.28
CA PHE A 85 -8.73 3.43 14.50
C PHE A 85 -7.50 2.53 14.61
N SER A 86 -6.68 2.44 13.57
CA SER A 86 -5.55 1.52 13.60
C SER A 86 -4.46 2.01 14.55
N GLY A 87 -4.02 1.13 15.44
CA GLY A 87 -2.90 1.42 16.33
C GLY A 87 -3.14 2.57 17.29
N LEU A 88 -4.39 2.96 17.52
CA LEU A 88 -4.65 4.07 18.42
C LEU A 88 -4.27 3.73 19.86
N PHE A 89 -4.37 2.47 20.25
CA PHE A 89 -4.06 2.03 21.60
C PHE A 89 -2.66 1.44 21.72
N TRP A 90 -1.78 1.71 20.76
CA TRP A 90 -0.47 1.06 20.70
C TRP A 90 0.60 1.94 21.31
N GLN A 91 1.41 1.36 22.19
CA GLN A 91 2.57 2.00 22.81
C GLN A 91 3.83 1.34 22.29
N PRO A 92 4.77 2.08 21.68
CA PRO A 92 6.04 1.50 21.24
C PRO A 92 6.83 0.81 22.36
C ACE B 1 -1.75 -0.87 5.00
O ACE B 1 -2.39 0.18 4.90
CH3 ACE B 1 -1.04 -1.50 3.84
N MET B 2 -1.66 -1.52 6.15
CA MET B 2 -2.28 -1.06 7.37
C MET B 2 -1.22 -0.82 8.44
N TYR B 3 -1.38 0.26 9.21
CA TYR B 3 -0.35 0.62 10.18
C TYR B 3 -0.14 -0.47 11.23
N HIS B 4 -1.22 -1.14 11.64
CA HIS B 4 -1.13 -2.03 12.79
C HIS B 4 -0.24 -3.26 12.55
N ASN B 5 0.16 -3.52 11.30
CA ASN B 5 1.21 -4.50 11.06
C ASN B 5 2.22 -3.98 10.04
N SER B 6 2.45 -2.67 10.02
CA SER B 6 3.35 -2.04 9.07
C SER B 6 4.79 -2.07 9.55
N SER B 7 5.71 -1.85 8.60
CA SER B 7 7.11 -1.69 8.96
C SER B 7 7.36 -0.39 9.71
N GLN B 8 6.49 0.62 9.51
CA GLN B 8 6.62 1.87 10.25
C GLN B 8 6.46 1.63 11.75
N LYS B 9 5.47 0.80 12.13
CA LYS B 9 5.28 0.49 13.54
C LYS B 9 6.33 -0.49 14.04
N ARG B 10 6.78 -1.40 13.19
CA ARG B 10 7.69 -2.45 13.62
C ARG B 10 9.13 -1.95 13.78
N HIS B 11 9.54 -0.96 12.99
CA HIS B 11 10.94 -0.55 12.96
C HIS B 11 11.17 0.95 13.05
N TRP B 12 10.15 1.79 12.86
CA TRP B 12 10.38 3.22 12.76
C TRP B 12 9.48 4.03 13.69
N THR B 13 8.95 3.39 14.74
CA THR B 13 8.30 4.08 15.84
C THR B 13 9.05 3.71 17.11
N PHE B 14 9.68 4.71 17.74
CA PHE B 14 10.65 4.46 18.79
C PHE B 14 10.07 4.81 20.16
N SER B 15 10.70 4.25 21.20
CA SER B 15 10.14 4.30 22.54
C SER B 15 10.22 5.71 23.13
N SER B 16 11.29 6.45 22.85
CA SER B 16 11.51 7.72 23.53
C SER B 16 12.37 8.63 22.67
N GLU B 17 12.29 9.93 22.97
CA GLU B 17 13.17 10.90 22.34
C GLU B 17 14.63 10.63 22.67
N GLU B 18 14.89 10.02 23.82
CA GLU B 18 16.26 9.70 24.21
C GLU B 18 16.88 8.68 23.25
N GLN B 19 16.07 7.72 22.79
CA GLN B 19 16.57 6.74 21.83
C GLN B 19 16.88 7.40 20.48
N LEU B 20 16.06 8.36 20.06
CA LEU B 20 16.36 9.10 18.84
C LEU B 20 17.64 9.91 18.99
N ALA B 21 17.83 10.56 20.14
CA ALA B 21 19.06 11.29 20.40
C ALA B 21 20.26 10.35 20.38
N ARG B 22 20.10 9.14 20.92
CA ARG B 22 21.18 8.17 20.89
C ARG B 22 21.53 7.78 19.46
N LEU B 23 20.51 7.55 18.62
CA LEU B 23 20.77 7.20 17.22
C LEU B 23 21.49 8.34 16.49
N ARG B 24 21.03 9.58 16.69
CA ARG B 24 21.67 10.72 16.02
C ARG B 24 23.10 10.90 16.50
N ALA B 25 23.33 10.80 17.81
CA ALA B 25 24.68 10.93 18.35
C ALA B 25 25.59 9.82 17.83
N ASP B 26 25.05 8.61 17.71
CA ASP B 26 25.83 7.50 17.17
C ASP B 26 26.22 7.78 15.72
N ALA B 27 25.28 8.31 14.92
CA ALA B 27 25.61 8.66 13.54
C ALA B 27 26.71 9.71 13.50
N ASN B 28 26.60 10.74 14.33
CA ASN B 28 27.60 11.80 14.38
C ASN B 28 28.97 11.24 14.78
N ARG B 29 28.99 10.36 15.79
CA ARG B 29 30.24 9.78 16.28
C ARG B 29 30.86 8.86 15.23
N LYS B 30 30.04 8.11 14.50
CA LYS B 30 30.57 7.26 13.44
C LYS B 30 31.20 8.09 12.33
N PHE B 31 30.55 9.18 11.93
CA PHE B 31 31.17 10.03 10.92
C PHE B 31 32.47 10.63 11.44
N ARG B 32 32.49 11.07 12.70
CA ARG B 32 33.73 11.62 13.26
C ARG B 32 34.84 10.57 13.26
N CYS B 33 34.51 9.35 13.65
CA CYS B 33 35.51 8.29 13.67
C CYS B 33 36.05 8.01 12.27
N LYS B 34 35.16 7.96 11.27
CA LYS B 34 35.62 7.68 9.92
C LYS B 34 36.47 8.83 9.36
N ALA B 35 36.10 10.07 9.68
CA ALA B 35 36.85 11.21 9.17
C ALA B 35 38.21 11.33 9.85
N VAL B 36 38.29 10.96 11.12
CA VAL B 36 39.59 11.00 11.80
C VAL B 36 40.45 9.82 11.40
N ALA B 37 39.85 8.64 11.17
CA ALA B 37 40.61 7.48 10.74
C ALA B 37 40.99 7.55 9.27
N ASN B 38 40.40 8.48 8.51
CA ASN B 38 40.91 8.77 7.18
C ASN B 38 42.25 9.50 7.25
N GLY B 39 42.38 10.43 8.19
CA GLY B 39 43.58 11.24 8.32
C GLY B 39 43.30 12.72 8.19
N ASP B 45 39.08 19.17 16.15
CA ASP B 45 39.00 20.25 15.17
C ASP B 45 37.59 20.81 15.11
N PRO B 46 37.47 22.14 15.02
CA PRO B 46 36.15 22.78 15.07
C PRO B 46 35.36 22.64 13.78
N VAL B 47 35.86 21.86 12.83
CA VAL B 47 35.12 21.64 11.59
C VAL B 47 33.88 20.79 11.83
N PHE B 48 33.99 19.75 12.66
CA PHE B 48 32.89 18.84 12.89
C PHE B 48 31.72 19.55 13.57
N LEU B 49 30.50 19.17 13.16
CA LEU B 49 29.30 19.71 13.79
C LEU B 49 28.86 18.80 14.93
N GLU B 50 28.31 19.42 15.97
CA GLU B 50 27.77 18.68 17.09
C GLU B 50 26.34 18.25 16.78
N PRO B 51 25.84 17.20 17.45
CA PRO B 51 24.51 16.67 17.09
C PRO B 51 23.39 17.68 17.17
N HIS B 52 23.44 18.62 18.12
CA HIS B 52 22.39 19.65 18.18
C HIS B 52 22.47 20.57 16.97
N GLU B 53 23.67 20.88 16.49
CA GLU B 53 23.81 21.64 15.26
C GLU B 53 23.30 20.86 14.06
N GLU B 54 23.58 19.56 14.02
CA GLU B 54 23.00 18.70 13.00
C GLU B 54 21.48 18.76 13.03
N MET B 55 20.89 18.76 14.23
CA MET B 55 19.45 18.79 14.35
C MET B 55 18.88 20.12 13.87
N THR B 56 19.58 21.23 14.18
CA THR B 56 19.15 22.53 13.68
C THR B 56 19.16 22.57 12.16
N LEU B 57 20.24 22.09 11.55
CA LEU B 57 20.32 22.04 10.10
C LEU B 57 19.23 21.15 9.51
N CYS B 58 18.97 20.02 10.16
CA CYS B 58 17.94 19.10 9.67
C CYS B 58 16.56 19.73 9.74
N LYS B 59 16.26 20.48 10.81
CA LYS B 59 14.98 21.17 10.89
C LYS B 59 14.87 22.22 9.80
N TYR B 60 15.94 22.98 9.58
CA TYR B 60 15.90 24.01 8.53
C TYR B 60 15.67 23.37 7.16
N TYR B 61 16.34 22.26 6.89
CA TYR B 61 16.21 21.64 5.58
C TYR B 61 14.90 20.88 5.42
N GLU B 62 14.30 20.40 6.52
CA GLU B 62 12.93 19.92 6.42
C GLU B 62 11.97 21.06 6.08
N LYS B 63 12.23 22.26 6.61
CA LYS B 63 11.42 23.42 6.22
C LYS B 63 11.60 23.74 4.74
N ARG B 64 12.84 23.68 4.23
CA ARG B 64 13.05 23.84 2.80
C ARG B 64 12.37 22.75 1.99
N LEU B 65 12.36 21.51 2.49
CA LEU B 65 11.66 20.44 1.79
C LEU B 65 10.17 20.73 1.72
N LEU B 66 9.60 21.24 2.81
CA LEU B 66 8.19 21.64 2.79
C LEU B 66 7.95 22.75 1.78
N GLU B 67 8.83 23.74 1.74
CA GLU B 67 8.68 24.84 0.77
C GLU B 67 8.78 24.31 -0.67
N PHE B 68 9.70 23.39 -0.91
CA PHE B 68 9.86 22.81 -2.23
C PHE B 68 8.61 22.04 -2.65
N CYS B 69 8.10 21.19 -1.76
CA CYS B 69 6.90 20.42 -2.07
C CYS B 69 5.65 21.28 -2.18
N SER B 70 5.65 22.46 -1.55
CA SER B 70 4.46 23.31 -1.59
C SER B 70 4.30 23.99 -2.95
N VAL B 71 5.40 24.46 -3.53
CA VAL B 71 5.36 25.21 -4.79
C VAL B 71 5.61 24.27 -5.96
N PHE B 72 5.52 22.96 -5.72
CA PHE B 72 5.81 21.98 -6.75
C PHE B 72 4.65 21.87 -7.73
N LYS B 73 4.93 22.08 -9.02
CA LYS B 73 3.96 21.92 -10.09
C LYS B 73 4.32 20.71 -10.93
N PRO B 74 3.41 19.76 -11.15
CA PRO B 74 2.00 19.72 -10.73
C PRO B 74 1.84 19.60 -9.21
N ALA B 75 0.71 20.07 -8.68
CA ALA B 75 0.52 20.19 -7.23
C ALA B 75 0.75 18.85 -6.53
N MET B 76 1.74 18.84 -5.64
CA MET B 76 2.09 17.61 -4.94
C MET B 76 0.96 17.21 -4.01
N PRO B 77 0.54 15.95 -4.00
CA PRO B 77 -0.40 15.48 -3.00
C PRO B 77 0.22 15.58 -1.60
N ARG B 78 -0.65 15.85 -0.62
CA ARG B 78 -0.20 16.01 0.76
C ARG B 78 0.43 14.73 1.31
N SER B 79 -0.06 13.57 0.86
CA SER B 79 0.52 12.30 1.30
C SER B 79 1.95 12.13 0.79
N VAL B 80 2.22 12.60 -0.43
CA VAL B 80 3.59 12.55 -0.95
C VAL B 80 4.51 13.41 -0.10
N VAL B 81 4.05 14.61 0.27
CA VAL B 81 4.86 15.50 1.11
C VAL B 81 5.12 14.87 2.46
N GLY B 82 4.10 14.26 3.06
CA GLY B 82 4.31 13.56 4.32
C GLY B 82 5.32 12.44 4.20
N THR B 83 5.21 11.63 3.14
CA THR B 83 6.16 10.55 2.92
C THR B 83 7.58 11.08 2.76
N ALA B 84 7.75 12.17 2.00
CA ALA B 84 9.07 12.74 1.80
C ALA B 84 9.66 13.25 3.11
N CYS B 85 8.86 13.94 3.92
CA CYS B 85 9.35 14.43 5.20
C CYS B 85 9.72 13.28 6.13
N MET B 86 8.92 12.21 6.13
CA MET B 86 9.25 11.04 6.92
C MET B 86 10.55 10.41 6.45
N TYR B 87 10.75 10.36 5.13
CA TYR B 87 12.01 9.84 4.59
C TYR B 87 13.19 10.66 5.08
N PHE B 88 13.06 11.99 5.05
CA PHE B 88 14.13 12.86 5.53
C PHE B 88 14.46 12.57 6.99
N LYS B 89 13.42 12.50 7.83
CA LYS B 89 13.64 12.23 9.25
C LYS B 89 14.32 10.89 9.46
N ARG B 90 13.83 9.84 8.79
CA ARG B 90 14.39 8.52 8.96
C ARG B 90 15.83 8.45 8.47
N PHE B 91 16.14 9.12 7.37
CA PHE B 91 17.50 9.10 6.84
C PHE B 91 18.47 9.77 7.82
N TYR B 92 18.09 10.93 8.35
CA TYR B 92 19.01 11.61 9.26
C TYR B 92 18.89 11.14 10.70
N LEU B 93 18.06 10.13 10.96
CA LEU B 93 18.15 9.42 12.22
C LEU B 93 19.44 8.59 12.31
N ASN B 94 19.91 8.05 11.19
CA ASN B 94 21.08 7.18 11.18
C ASN B 94 22.20 7.67 10.27
N ASN B 95 22.16 8.93 9.84
CA ASN B 95 23.20 9.49 8.98
C ASN B 95 23.43 10.94 9.40
N SER B 96 24.63 11.42 9.08
CA SER B 96 25.02 12.79 9.43
C SER B 96 24.94 13.69 8.21
N VAL B 97 24.61 14.96 8.46
CA VAL B 97 24.59 15.95 7.39
C VAL B 97 25.97 16.18 6.81
N MET B 98 27.03 15.78 7.52
CA MET B 98 28.38 15.93 6.99
C MET B 98 28.72 14.87 5.95
N GLU B 99 28.24 13.64 6.12
CA GLU B 99 28.50 12.62 5.10
C GLU B 99 27.63 12.83 3.86
N TYR B 100 26.36 13.18 4.06
CA TYR B 100 25.42 13.36 2.96
C TYR B 100 24.74 14.70 3.11
N HIS B 101 24.80 15.52 2.08
CA HIS B 101 24.31 16.89 2.19
C HIS B 101 22.78 16.89 2.26
N PRO B 102 22.20 17.58 3.24
CA PRO B 102 20.73 17.62 3.32
C PRO B 102 20.05 18.25 2.11
N ARG B 103 20.71 19.18 1.41
CA ARG B 103 20.09 19.80 0.25
C ARG B 103 19.79 18.79 -0.83
N ILE B 104 20.70 17.84 -1.06
CA ILE B 104 20.44 16.80 -2.05
C ILE B 104 19.52 15.74 -1.48
N ILE B 105 19.67 15.42 -0.19
CA ILE B 105 18.89 14.33 0.40
C ILE B 105 17.41 14.68 0.44
N MET B 106 17.07 15.94 0.70
CA MET B 106 15.66 16.33 0.70
C MET B 106 15.04 16.19 -0.69
N LEU B 107 15.78 16.59 -1.73
CA LEU B 107 15.30 16.42 -3.10
C LEU B 107 15.14 14.94 -3.44
N THR B 108 16.10 14.11 -3.00
CA THR B 108 15.99 12.67 -3.23
C THR B 108 14.81 12.08 -2.49
N CYS B 109 14.54 12.58 -1.27
CA CYS B 109 13.38 12.12 -0.52
C CYS B 109 12.09 12.46 -1.25
N ALA B 110 11.98 13.68 -1.77
CA ALA B 110 10.79 14.07 -2.53
C ALA B 110 10.64 13.22 -3.79
N PHE B 111 11.76 12.96 -4.48
CA PHE B 111 11.75 12.12 -5.68
C PHE B 111 11.23 10.72 -5.37
N LEU B 112 11.81 10.08 -4.34
CA LEU B 112 11.41 8.75 -3.97
C LEU B 112 9.97 8.71 -3.48
N ALA B 113 9.52 9.75 -2.78
CA ALA B 113 8.14 9.81 -2.32
C ALA B 113 7.18 9.91 -3.49
N CYS B 114 7.48 10.77 -4.46
CA CYS B 114 6.67 10.85 -5.67
C CYS B 114 6.56 9.50 -6.35
N LYS B 115 7.68 8.77 -6.43
CA LYS B 115 7.61 7.44 -7.04
C LYS B 115 6.75 6.49 -6.21
N VAL B 116 7.01 6.41 -4.91
CA VAL B 116 6.35 5.42 -4.05
C VAL B 116 4.86 5.69 -3.95
N ASP B 117 4.48 6.96 -3.81
CA ASP B 117 3.08 7.33 -3.66
C ASP B 117 2.36 7.45 -5.01
N GLU B 118 2.93 6.91 -6.08
CA GLU B 118 2.29 6.83 -7.39
C GLU B 118 1.86 8.20 -7.91
N PHE B 119 2.64 9.24 -7.60
CA PHE B 119 2.42 10.57 -8.14
C PHE B 119 3.35 10.70 -9.35
N ASN B 120 2.88 10.22 -10.49
CA ASN B 120 3.73 10.08 -11.68
C ASN B 120 4.15 11.45 -12.18
N VAL B 121 5.44 11.75 -12.00
CA VAL B 121 6.05 12.98 -12.50
C VAL B 121 7.37 12.59 -13.15
N SER B 122 7.56 13.02 -14.40
CA SER B 122 8.80 12.70 -15.09
C SER B 122 9.97 13.44 -14.45
N SER B 123 11.16 12.86 -14.58
CA SER B 123 12.35 13.47 -14.00
C SER B 123 12.61 14.89 -14.51
N PRO B 124 12.53 15.19 -15.81
CA PRO B 124 12.72 16.59 -16.22
C PRO B 124 11.73 17.56 -15.58
N GLN B 125 10.46 17.18 -15.47
CA GLN B 125 9.51 18.09 -14.84
C GLN B 125 9.62 18.08 -13.32
N PHE B 126 10.21 17.04 -12.74
CA PHE B 126 10.57 17.09 -11.32
C PHE B 126 11.66 18.12 -11.08
N VAL B 127 12.75 18.04 -11.85
CA VAL B 127 13.85 18.98 -11.65
C VAL B 127 13.52 20.38 -12.14
N GLY B 128 12.49 20.53 -12.99
CA GLY B 128 12.09 21.85 -13.42
C GLY B 128 11.52 22.71 -12.33
N ASN B 129 11.16 22.12 -11.20
CA ASN B 129 10.64 22.89 -10.06
C ASN B 129 11.74 23.57 -9.26
N LEU B 130 13.00 23.20 -9.47
CA LEU B 130 14.10 23.83 -8.75
C LEU B 130 14.31 25.26 -9.24
N ARG B 131 14.43 26.19 -8.30
CA ARG B 131 14.63 27.60 -8.62
C ARG B 131 16.09 27.86 -9.00
N GLU B 132 16.50 27.22 -10.10
CA GLU B 132 17.89 27.29 -10.53
C GLU B 132 17.94 27.23 -12.06
N SER B 133 19.07 27.66 -12.60
CA SER B 133 19.29 27.61 -14.03
C SER B 133 19.31 26.15 -14.49
N PRO B 134 19.01 25.89 -15.77
CA PRO B 134 18.95 24.49 -16.24
C PRO B 134 20.17 23.66 -15.90
N LEU B 135 21.38 24.20 -16.03
CA LEU B 135 22.58 23.39 -15.75
C LEU B 135 22.56 22.89 -14.31
N GLY B 136 22.18 23.76 -13.37
CA GLY B 136 21.99 23.31 -12.00
C GLY B 136 20.94 22.23 -11.90
N GLN B 137 19.87 22.33 -12.71
CA GLN B 137 18.82 21.32 -12.67
C GLN B 137 19.33 19.95 -13.12
N GLU B 138 20.11 19.90 -14.22
CA GLU B 138 20.70 18.64 -14.62
C GLU B 138 21.67 18.11 -13.56
N LYS B 139 22.50 18.98 -12.99
CA LYS B 139 23.43 18.52 -11.96
C LYS B 139 22.68 17.93 -10.77
N ALA B 140 21.61 18.61 -10.34
CA ALA B 140 20.79 18.12 -9.24
C ALA B 140 20.13 16.80 -9.60
N LEU B 141 19.68 16.66 -10.84
CA LEU B 141 19.09 15.38 -11.26
C LEU B 141 20.10 14.25 -11.17
N GLU B 142 21.34 14.49 -11.61
CA GLU B 142 22.35 13.45 -11.49
C GLU B 142 22.63 13.11 -10.03
N GLN B 143 22.69 14.12 -9.16
CA GLN B 143 22.89 13.86 -7.74
C GLN B 143 21.75 13.04 -7.15
N ILE B 144 20.50 13.37 -7.52
CA ILE B 144 19.35 12.64 -7.02
C ILE B 144 19.38 11.20 -7.48
N LEU B 145 19.74 10.98 -8.76
CA LEU B 145 19.83 9.61 -9.26
C LEU B 145 20.93 8.84 -8.56
N GLU B 146 22.03 9.52 -8.21
CA GLU B 146 23.10 8.84 -7.47
C GLU B 146 22.65 8.47 -6.06
N TYR B 147 21.89 9.35 -5.40
CA TYR B 147 21.51 9.14 -4.01
C TYR B 147 20.20 8.36 -3.82
N GLU B 148 19.47 8.05 -4.90
CA GLU B 148 18.20 7.36 -4.73
C GLU B 148 18.37 6.01 -4.06
N LEU B 149 19.30 5.20 -4.56
CA LEU B 149 19.50 3.88 -3.99
C LEU B 149 20.09 3.97 -2.58
N LEU B 150 20.97 4.93 -2.33
CA LEU B 150 21.48 5.14 -0.98
C LEU B 150 20.35 5.44 -0.01
N LEU B 151 19.46 6.36 -0.39
CA LEU B 151 18.33 6.69 0.46
C LEU B 151 17.45 5.48 0.70
N ILE B 152 17.19 4.70 -0.34
CA ILE B 152 16.36 3.51 -0.19
C ILE B 152 17.00 2.51 0.77
N GLN B 153 18.32 2.31 0.65
CA GLN B 153 19.01 1.40 1.55
C GLN B 153 18.97 1.89 2.99
N GLN B 154 19.19 3.20 3.20
CA GLN B 154 19.15 3.76 4.54
C GLN B 154 17.77 3.71 5.16
N LEU B 155 16.72 3.69 4.35
CA LEU B 155 15.36 3.46 4.84
C LEU B 155 15.09 1.98 5.10
N ASN B 156 16.09 1.11 4.91
CA ASN B 156 15.96 -0.34 5.06
C ASN B 156 14.87 -0.90 4.14
N PHE B 157 14.69 -0.26 2.98
CA PHE B 157 13.68 -0.68 2.01
C PHE B 157 12.27 -0.68 2.62
N HIS B 158 12.00 0.30 3.46
CA HIS B 158 10.67 0.51 4.05
C HIS B 158 10.13 1.81 3.46
N LEU B 159 9.28 1.68 2.44
CA LEU B 159 8.87 2.84 1.66
C LEU B 159 7.47 3.32 1.96
N ILE B 160 6.59 2.44 2.44
CA ILE B 160 5.22 2.85 2.74
C ILE B 160 5.21 3.61 4.06
N VAL B 161 4.79 4.87 4.02
CA VAL B 161 4.70 5.72 5.20
C VAL B 161 3.23 6.00 5.48
N HIS B 162 2.80 5.72 6.70
CA HIS B 162 1.42 5.99 7.13
C HIS B 162 1.36 7.39 7.73
N ASN B 163 0.71 8.29 7.02
CA ASN B 163 0.52 9.66 7.42
C ASN B 163 -0.72 9.79 8.30
N PRO B 164 -0.84 10.90 9.05
CA PRO B 164 -2.04 11.10 9.88
C PRO B 164 -3.25 11.63 9.13
N TYR B 165 -3.15 11.89 7.82
CA TYR B 165 -4.23 12.59 7.13
C TYR B 165 -5.45 11.70 6.92
N ARG B 166 -5.25 10.48 6.45
CA ARG B 166 -6.37 9.55 6.33
C ARG B 166 -6.97 9.19 7.69
N PRO B 167 -6.20 8.90 8.74
CA PRO B 167 -6.83 8.74 10.07
C PRO B 167 -7.59 9.97 10.51
N PHE B 168 -7.09 11.16 10.16
CA PHE B 168 -7.81 12.39 10.46
C PHE B 168 -9.18 12.40 9.79
N GLU B 169 -9.22 12.03 8.51
CA GLU B 169 -10.50 11.95 7.81
C GLU B 169 -11.42 10.92 8.43
N GLY B 170 -10.87 9.77 8.81
CA GLY B 170 -11.68 8.74 9.45
C GLY B 170 -12.27 9.18 10.78
N PHE B 171 -11.47 9.90 11.57
CA PHE B 171 -11.97 10.45 12.82
C PHE B 171 -13.06 11.48 12.57
N LEU B 172 -12.91 12.30 11.52
CA LEU B 172 -13.96 13.25 11.20
C LEU B 172 -15.25 12.55 10.81
N ILE B 173 -15.15 11.47 10.03
CA ILE B 173 -16.33 10.69 9.68
C ILE B 173 -16.98 10.11 10.93
N ASP B 174 -16.17 9.54 11.81
CA ASP B 174 -16.71 8.93 13.04
C ASP B 174 -17.37 9.98 13.93
N LEU B 175 -16.76 11.17 14.04
CA LEU B 175 -17.37 12.23 14.84
C LEU B 175 -18.69 12.70 14.23
N LYS B 176 -18.72 12.85 12.90
CA LYS B 176 -19.97 13.25 12.25
C LYS B 176 -21.06 12.20 12.46
N THR B 177 -20.69 10.93 12.54
CA THR B 177 -21.70 9.89 12.64
C THR B 177 -22.16 9.65 14.08
N ARG B 178 -21.23 9.64 15.04
CA ARG B 178 -21.53 9.11 16.37
C ARG B 178 -21.36 10.11 17.51
N TYR B 179 -20.99 11.36 17.24
CA TYR B 179 -20.79 12.35 18.30
C TYR B 179 -21.64 13.58 17.99
N PRO B 180 -22.96 13.47 18.19
CA PRO B 180 -23.84 14.62 17.92
C PRO B 180 -23.59 15.81 18.84
N ILE B 181 -22.93 15.60 19.97
CA ILE B 181 -22.58 16.73 20.83
C ILE B 181 -21.72 17.72 20.07
N LEU B 182 -20.73 17.23 19.33
CA LEU B 182 -19.97 18.06 18.39
C LEU B 182 -20.86 18.32 17.18
N GLU B 183 -21.54 19.46 17.19
CA GLU B 183 -22.57 19.72 16.19
C GLU B 183 -22.01 19.65 14.77
N ASN B 184 -20.93 20.39 14.51
CA ASN B 184 -20.29 20.44 13.20
C ASN B 184 -18.80 20.17 13.39
N PRO B 185 -18.36 18.92 13.27
CA PRO B 185 -16.93 18.63 13.46
C PRO B 185 -16.02 19.33 12.46
N GLU B 186 -16.56 19.77 11.33
CA GLU B 186 -15.71 20.35 10.28
C GLU B 186 -15.03 21.63 10.73
N ILE B 187 -15.65 22.41 11.62
CA ILE B 187 -15.01 23.62 12.13
C ILE B 187 -13.77 23.31 12.96
N LEU B 188 -13.57 22.04 13.33
CA LEU B 188 -12.33 21.64 13.99
C LEU B 188 -11.18 21.43 13.02
N ARG B 189 -11.47 21.21 11.74
CA ARG B 189 -10.44 20.74 10.81
C ARG B 189 -9.32 21.77 10.66
N LYS B 190 -9.66 23.01 10.34
CA LYS B 190 -8.65 24.01 10.02
C LYS B 190 -7.61 24.12 11.13
N THR B 191 -8.06 24.48 12.34
CA THR B 191 -7.13 24.56 13.46
C THR B 191 -6.42 23.24 13.67
N ALA B 192 -7.15 22.13 13.60
CA ALA B 192 -6.50 20.82 13.75
C ALA B 192 -5.42 20.63 12.70
N ASP B 193 -5.73 21.00 11.46
CA ASP B 193 -4.72 20.93 10.40
C ASP B 193 -3.50 21.72 10.80
N ASP B 194 -3.71 22.96 11.27
CA ASP B 194 -2.59 23.77 11.73
C ASP B 194 -1.77 23.02 12.75
N PHE B 195 -2.44 22.44 13.75
CA PHE B 195 -1.72 21.73 14.79
C PHE B 195 -0.94 20.58 14.19
N LEU B 196 -1.55 19.85 13.25
CA LEU B 196 -0.87 18.77 12.56
C LEU B 196 0.45 19.25 11.97
N ASN B 197 0.42 20.41 11.31
CA ASN B 197 1.64 20.94 10.71
C ASN B 197 2.73 21.11 11.77
N ARG B 198 2.37 21.70 12.92
CA ARG B 198 3.34 21.86 13.98
C ARG B 198 3.85 20.50 14.45
N ILE B 199 2.95 19.52 14.52
CA ILE B 199 3.34 18.17 14.91
C ILE B 199 4.39 17.63 13.95
N ALA B 200 4.25 17.97 12.66
CA ALA B 200 5.19 17.48 11.66
C ALA B 200 6.60 18.01 11.89
N LEU B 201 6.74 19.15 12.56
CA LEU B 201 8.07 19.74 12.76
C LEU B 201 8.85 19.09 13.88
N THR B 202 8.20 18.31 14.74
CA THR B 202 8.84 17.67 15.87
C THR B 202 9.22 16.25 15.51
N ASP B 203 9.64 15.47 16.51
CA ASP B 203 9.94 14.07 16.35
C ASP B 203 8.71 13.18 16.48
N ALA B 204 7.51 13.76 16.56
CA ALA B 204 6.31 13.00 16.89
C ALA B 204 6.05 11.89 15.89
N TYR B 205 6.35 12.13 14.61
CA TYR B 205 6.10 11.12 13.59
C TYR B 205 6.93 9.85 13.81
N LEU B 206 8.04 9.96 14.54
CA LEU B 206 8.88 8.81 14.85
C LEU B 206 8.55 8.18 16.20
N LEU B 207 7.67 8.78 16.99
CA LEU B 207 7.37 8.30 18.33
C LEU B 207 5.93 7.88 18.54
N TYR B 208 5.01 8.24 17.64
CA TYR B 208 3.59 8.08 17.88
C TYR B 208 2.91 7.56 16.61
N THR B 209 1.82 6.84 16.80
CA THR B 209 1.09 6.30 15.67
C THR B 209 0.35 7.42 14.92
N PRO B 210 0.11 7.24 13.63
CA PRO B 210 -0.65 8.27 12.89
C PRO B 210 -2.04 8.53 13.45
N SER B 211 -2.72 7.48 13.92
CA SER B 211 -4.03 7.65 14.53
C SER B 211 -3.94 8.49 15.80
N GLN B 212 -2.92 8.23 16.64
CA GLN B 212 -2.73 9.03 17.83
C GLN B 212 -2.46 10.48 17.48
N ILE B 213 -1.64 10.72 16.45
CA ILE B 213 -1.33 12.08 16.04
C ILE B 213 -2.57 12.80 15.56
N ALA B 214 -3.38 12.12 14.73
CA ALA B 214 -4.60 12.74 14.22
C ALA B 214 -5.59 13.04 15.35
N LEU B 215 -5.76 12.10 16.28
CA LEU B 215 -6.68 12.29 17.38
C LEU B 215 -6.21 13.41 18.30
N THR B 216 -4.91 13.47 18.58
CA THR B 216 -4.36 14.56 19.38
C THR B 216 -4.59 15.90 18.72
N ALA B 217 -4.38 15.98 17.41
CA ALA B 217 -4.64 17.22 16.70
C ALA B 217 -6.11 17.62 16.79
N ILE B 218 -7.01 16.66 16.63
CA ILE B 218 -8.44 16.95 16.70
C ILE B 218 -8.83 17.46 18.08
N LEU B 219 -8.36 16.78 19.12
CA LEU B 219 -8.75 17.18 20.47
C LEU B 219 -8.07 18.48 20.90
N SER B 220 -6.85 18.74 20.42
CA SER B 220 -6.24 20.04 20.67
C SER B 220 -7.03 21.15 20.00
N SER B 221 -7.52 20.90 18.77
CA SER B 221 -8.40 21.87 18.13
C SER B 221 -9.68 22.08 18.93
N ALA B 222 -10.25 20.99 19.44
CA ALA B 222 -11.48 21.10 20.23
C ALA B 222 -11.25 21.90 21.51
N SER B 223 -10.14 21.63 22.21
CA SER B 223 -9.82 22.38 23.41
C SER B 223 -9.58 23.86 23.09
N ARG B 224 -8.90 24.14 21.97
CA ARG B 224 -8.69 25.52 21.56
C ARG B 224 -10.00 26.22 21.23
N ALA B 225 -11.00 25.46 20.77
CA ALA B 225 -12.32 26.00 20.48
C ALA B 225 -13.21 26.06 21.71
N GLY B 226 -12.78 25.52 22.84
CA GLY B 226 -13.58 25.46 24.04
C GLY B 226 -14.47 24.25 24.15
N ILE B 227 -14.51 23.39 23.14
CA ILE B 227 -15.36 22.20 23.15
C ILE B 227 -14.60 21.07 23.81
N THR B 228 -15.23 20.42 24.78
CA THR B 228 -14.66 19.29 25.49
C THR B 228 -15.30 18.01 24.97
N MET B 229 -14.48 16.99 24.70
CA MET B 229 -14.93 15.75 24.09
C MET B 229 -14.36 14.54 24.83
N GLU B 230 -14.47 14.56 26.16
CA GLU B 230 -14.05 13.40 26.94
C GLU B 230 -14.93 12.20 26.66
N SER B 231 -16.24 12.43 26.48
CA SER B 231 -17.17 11.33 26.25
C SER B 231 -16.87 10.59 24.95
N TYR B 232 -16.38 11.30 23.93
CA TYR B 232 -16.03 10.63 22.68
C TYR B 232 -14.98 9.56 22.92
N LEU B 233 -13.95 9.87 23.71
CA LEU B 233 -12.97 8.86 24.07
C LEU B 233 -13.58 7.78 24.94
N SER B 234 -14.29 8.18 26.02
CA SER B 234 -14.76 7.21 26.99
C SER B 234 -15.92 6.39 26.46
N GLU B 235 -16.90 7.04 25.82
CA GLU B 235 -18.12 6.35 25.41
C GLU B 235 -18.03 5.84 23.98
N SER B 236 -17.82 6.75 23.02
CA SER B 236 -17.82 6.36 21.61
C SER B 236 -16.65 5.44 21.29
N LEU B 237 -15.46 5.76 21.80
CA LEU B 237 -14.27 4.98 21.48
C LEU B 237 -14.08 3.78 22.41
N MET B 238 -15.03 3.51 23.31
CA MET B 238 -14.96 2.36 24.21
C MET B 238 -13.70 2.42 25.08
N LEU B 239 -13.62 3.47 25.90
CA LEU B 239 -12.54 3.60 26.86
C LEU B 239 -13.05 3.73 28.29
N LYS B 240 -14.36 3.58 28.51
CA LYS B 240 -14.90 3.51 29.85
C LYS B 240 -14.87 2.09 30.42
N GLU B 241 -14.76 1.08 29.56
CA GLU B 241 -14.57 -0.28 30.03
C GLU B 241 -13.13 -0.51 30.48
N ASN B 242 -12.18 0.09 29.78
CA ASN B 242 -10.75 -0.03 30.06
C ASN B 242 -10.21 1.36 30.39
N ARG B 243 -10.24 1.72 31.67
CA ARG B 243 -9.78 3.05 32.06
C ARG B 243 -8.27 3.20 31.93
N THR B 244 -7.53 2.10 32.08
CA THR B 244 -6.08 2.19 31.93
C THR B 244 -5.69 2.61 30.51
N CYS B 245 -6.35 2.03 29.51
CA CYS B 245 -6.07 2.41 28.12
C CYS B 245 -6.40 3.87 27.87
N LEU B 246 -7.51 4.35 28.46
CA LEU B 246 -7.85 5.76 28.33
C LEU B 246 -6.78 6.65 28.96
N SER B 247 -6.25 6.22 30.12
CA SER B 247 -5.19 6.99 30.76
C SER B 247 -3.94 7.02 29.91
N GLN B 248 -3.57 5.89 29.30
CA GLN B 248 -2.42 5.86 28.41
C GLN B 248 -2.64 6.77 27.21
N LEU B 249 -3.84 6.77 26.63
CA LEU B 249 -4.12 7.65 25.50
C LEU B 249 -4.00 9.12 25.91
N LEU B 250 -4.54 9.46 27.07
CA LEU B 250 -4.44 10.83 27.56
C LEU B 250 -2.99 11.23 27.76
N ASP B 251 -2.17 10.33 28.31
CA ASP B 251 -0.75 10.62 28.50
C ASP B 251 -0.04 10.78 27.17
N ILE B 252 -0.36 9.94 26.19
CA ILE B 252 0.23 10.08 24.86
C ILE B 252 -0.08 11.45 24.28
N MET B 253 -1.35 11.85 24.37
CA MET B 253 -1.75 13.14 23.82
C MET B 253 -1.09 14.30 24.54
N LYS B 254 -1.00 14.22 25.87
CA LYS B 254 -0.37 15.29 26.64
C LYS B 254 1.11 15.40 26.30
N SER B 255 1.81 14.27 26.20
CA SER B 255 3.21 14.31 25.83
C SER B 255 3.40 14.85 24.42
N MET B 256 2.45 14.55 23.52
CA MET B 256 2.53 15.09 22.16
C MET B 256 2.36 16.60 22.17
N ARG B 257 1.41 17.10 22.97
CA ARG B 257 1.24 18.54 23.11
C ARG B 257 2.48 19.19 23.71
N ASN B 258 3.12 18.52 24.67
CA ASN B 258 4.38 19.03 25.21
C ASN B 258 5.49 19.03 24.16
N LEU B 259 5.52 18.00 23.32
CA LEU B 259 6.46 17.98 22.20
C LEU B 259 6.29 19.20 21.33
N VAL B 260 5.04 19.51 20.99
CA VAL B 260 4.79 20.70 20.16
C VAL B 260 5.17 21.96 20.92
N LYS B 261 4.93 21.98 22.24
CA LYS B 261 5.23 23.17 23.03
C LYS B 261 6.73 23.45 23.09
N LYS B 262 7.55 22.41 23.29
CA LYS B 262 8.98 22.60 23.50
C LYS B 262 9.80 22.51 22.22
N TYR B 263 9.16 22.33 21.06
CA TYR B 263 9.87 22.43 19.79
C TYR B 263 10.41 23.84 19.60
N GLU B 264 11.62 23.94 19.05
CA GLU B 264 12.26 25.23 18.83
C GLU B 264 12.61 25.40 17.35
N PRO B 265 12.00 26.36 16.66
CA PRO B 265 12.37 26.59 15.25
C PRO B 265 13.79 27.08 15.13
N PRO B 266 14.49 26.72 14.06
CA PRO B 266 15.86 27.23 13.85
C PRO B 266 15.89 28.73 13.68
N ARG B 267 16.95 29.34 14.20
CA ARG B 267 17.15 30.78 14.09
C ARG B 267 18.05 31.11 12.90
N SER B 268 17.76 32.25 12.27
CA SER B 268 18.37 32.56 10.98
C SER B 268 19.90 32.68 11.08
N GLU B 269 20.39 33.37 12.11
CA GLU B 269 21.84 33.56 12.23
C GLU B 269 22.55 32.24 12.51
N GLU B 270 22.00 31.45 13.44
CA GLU B 270 22.54 30.13 13.70
C GLU B 270 22.47 29.26 12.45
N VAL B 271 21.39 29.41 11.68
CA VAL B 271 21.24 28.64 10.44
C VAL B 271 22.35 29.01 9.46
N ALA B 272 22.62 30.31 9.29
CA ALA B 272 23.64 30.73 8.35
C ALA B 272 25.03 30.26 8.79
N VAL B 273 25.33 30.38 10.08
CA VAL B 273 26.62 29.93 10.59
C VAL B 273 26.78 28.43 10.37
N LEU B 274 25.74 27.66 10.70
CA LEU B 274 25.82 26.21 10.54
C LEU B 274 25.89 25.80 9.08
N LYS B 275 25.20 26.54 8.20
CA LYS B 275 25.29 26.25 6.78
C LYS B 275 26.70 26.48 6.26
N GLN B 276 27.33 27.59 6.68
CA GLN B 276 28.71 27.84 6.26
C GLN B 276 29.64 26.76 6.81
N LYS B 277 29.41 26.33 8.05
CA LYS B 277 30.19 25.23 8.61
C LYS B 277 29.99 23.94 7.82
N LEU B 278 28.76 23.67 7.38
CA LEU B 278 28.48 22.45 6.64
C LEU B 278 29.12 22.50 5.24
N GLU B 279 29.09 23.67 4.60
CA GLU B 279 29.81 23.83 3.35
C GLU B 279 31.30 23.59 3.55
N ARG B 280 31.86 24.09 4.66
CA ARG B 280 33.26 23.82 4.97
C ARG B 280 33.50 22.32 5.10
N CYS B 281 32.61 21.62 5.80
CA CYS B 281 32.76 20.18 5.98
C CYS B 281 32.73 19.45 4.64
N HIS B 282 31.81 19.84 3.75
CA HIS B 282 31.68 19.13 2.49
C HIS B 282 32.80 19.49 1.52
N SER B 283 33.37 20.69 1.64
CA SER B 283 34.53 21.03 0.82
C SER B 283 35.78 20.29 1.30
N ALA B 284 36.01 20.27 2.62
CA ALA B 284 37.19 19.61 3.16
C ALA B 284 37.15 18.11 2.93
N GLU B 285 35.98 17.49 3.09
CA GLU B 285 35.82 16.06 2.92
C GLU B 285 36.15 15.62 1.50
N LYS C 13 26.66 -9.65 -5.29
CA LYS C 13 26.67 -9.52 -3.84
C LYS C 13 26.92 -10.89 -3.21
N ARG C 14 26.10 -11.25 -2.22
CA ARG C 14 26.20 -12.58 -1.63
C ARG C 14 25.79 -13.64 -2.64
N TYR C 15 24.88 -13.30 -3.56
CA TYR C 15 24.28 -14.28 -4.45
C TYR C 15 25.15 -14.51 -5.67
N GLU C 16 25.38 -15.79 -5.99
CA GLU C 16 26.09 -16.18 -7.21
C GLU C 16 25.11 -16.89 -8.13
N LYS C 17 25.04 -16.42 -9.37
CA LYS C 17 24.05 -16.90 -10.31
C LYS C 17 24.25 -18.39 -10.61
N LEU C 18 23.15 -19.12 -10.73
CA LEU C 18 23.19 -20.55 -11.00
C LEU C 18 22.44 -20.96 -12.25
N ASP C 19 21.25 -20.40 -12.51
CA ASP C 19 20.44 -20.80 -13.64
C ASP C 19 19.56 -19.65 -14.08
N PHE C 20 19.05 -19.74 -15.30
CA PHE C 20 18.13 -18.75 -15.84
C PHE C 20 16.72 -19.33 -15.82
N LEU C 21 15.79 -18.61 -15.19
CA LEU C 21 14.41 -19.08 -15.02
C LEU C 21 13.48 -18.54 -16.11
N GLY C 22 13.34 -17.22 -16.20
CA GLY C 22 12.39 -16.64 -17.12
C GLY C 22 12.78 -15.21 -17.47
N GLU C 23 11.92 -14.58 -18.26
CA GLU C 23 12.20 -13.23 -18.74
C GLU C 23 10.89 -12.51 -19.06
N GLY C 24 10.74 -11.31 -18.50
CA GLY C 24 9.61 -10.46 -18.84
C GLY C 24 10.10 -9.13 -19.36
N GLN C 25 9.13 -8.30 -19.79
CA GLN C 25 9.49 -7.00 -20.33
C GLN C 25 10.10 -6.10 -19.26
N PHE C 26 9.53 -6.10 -18.05
CA PHE C 26 10.05 -5.26 -16.99
C PHE C 26 11.34 -5.80 -16.42
N ALA C 27 11.50 -7.12 -16.37
CA ALA C 27 12.57 -7.72 -15.59
C ALA C 27 12.89 -9.10 -16.14
N THR C 28 14.08 -9.60 -15.80
CA THR C 28 14.49 -10.96 -16.13
C THR C 28 14.80 -11.70 -14.84
N VAL C 29 14.32 -12.94 -14.73
CA VAL C 29 14.38 -13.70 -13.49
C VAL C 29 15.38 -14.83 -13.67
N TYR C 30 16.28 -14.98 -12.71
CA TYR C 30 17.22 -16.09 -12.70
C TYR C 30 17.34 -16.66 -11.30
N LYS C 31 17.55 -17.97 -11.22
CA LYS C 31 17.73 -18.67 -9.96
C LYS C 31 19.18 -18.58 -9.53
N ALA C 32 19.40 -18.26 -8.25
CA ALA C 32 20.73 -18.02 -7.71
C ALA C 32 20.92 -18.81 -6.43
N ARG C 33 22.16 -19.17 -6.14
CA ARG C 33 22.50 -19.98 -4.97
C ARG C 33 22.21 -19.24 -3.68
N ILE C 40 18.71 -21.10 -1.63
CA ILE C 40 18.38 -21.02 -3.05
C ILE C 40 17.26 -20.00 -3.25
N VAL C 41 17.55 -18.96 -4.03
CA VAL C 41 16.65 -17.83 -4.19
C VAL C 41 16.45 -17.56 -5.68
N ALA C 42 15.57 -16.62 -5.97
CA ALA C 42 15.33 -16.14 -7.33
C ALA C 42 15.51 -14.63 -7.36
N ILE C 43 16.27 -14.14 -8.32
CA ILE C 43 16.61 -12.73 -8.43
C ILE C 43 15.96 -12.19 -9.71
N LYS C 44 15.23 -11.10 -9.56
CA LYS C 44 14.50 -10.46 -10.64
C LYS C 44 15.14 -9.11 -10.94
N LYS C 45 15.59 -8.93 -12.18
CA LYS C 45 16.29 -7.72 -12.62
C LYS C 45 15.38 -6.83 -13.45
N LYS C 55 17.31 8.15 -17.06
CA LYS C 55 17.25 9.35 -16.24
C LYS C 55 16.03 9.33 -15.32
N ASP C 56 15.19 8.30 -15.48
CA ASP C 56 14.02 8.16 -14.62
C ASP C 56 14.37 7.63 -13.24
N GLY C 57 15.54 7.01 -13.09
CA GLY C 57 15.95 6.47 -11.81
C GLY C 57 15.62 5.01 -11.63
N ILE C 58 15.35 4.60 -10.38
CA ILE C 58 15.01 3.21 -10.10
C ILE C 58 13.65 2.90 -10.71
N ASN C 59 13.53 1.71 -11.29
CA ASN C 59 12.32 1.31 -12.00
C ASN C 59 11.11 1.36 -11.09
N ARG C 60 10.03 1.99 -11.59
CA ARG C 60 8.82 2.16 -10.80
C ARG C 60 8.18 0.81 -10.45
N THR C 61 8.25 -0.15 -11.36
CA THR C 61 7.69 -1.48 -11.08
C THR C 61 8.42 -2.15 -9.94
N ALA C 62 9.75 -2.06 -9.91
CA ALA C 62 10.52 -2.64 -8.82
C ALA C 62 10.21 -1.94 -7.50
N LEU C 63 10.08 -0.61 -7.52
CA LEU C 63 9.73 0.12 -6.31
C LEU C 63 8.35 -0.26 -5.82
N ARG C 64 7.40 -0.44 -6.74
CA ARG C 64 6.06 -0.88 -6.37
C ARG C 64 6.11 -2.24 -5.69
N GLU C 65 6.86 -3.18 -6.28
CA GLU C 65 6.97 -4.51 -5.68
C GLU C 65 7.61 -4.45 -4.30
N ILE C 66 8.67 -3.65 -4.16
CA ILE C 66 9.35 -3.53 -2.86
C ILE C 66 8.41 -2.95 -1.82
N LYS C 67 7.77 -1.82 -2.15
CA LYS C 67 6.95 -1.11 -1.18
C LYS C 67 5.72 -1.92 -0.80
N LEU C 68 5.22 -2.78 -1.70
CA LEU C 68 4.06 -3.57 -1.36
C LEU C 68 4.44 -4.84 -0.60
N LEU C 69 5.46 -5.56 -1.06
CA LEU C 69 5.83 -6.81 -0.39
C LEU C 69 6.47 -6.57 0.97
N GLN C 70 6.99 -5.37 1.25
CA GLN C 70 7.52 -5.11 2.58
C GLN C 70 6.41 -4.96 3.62
N GLU C 71 5.19 -4.60 3.20
CA GLU C 71 4.08 -4.40 4.12
C GLU C 71 3.16 -5.62 4.23
N LEU C 72 3.48 -6.72 3.56
CA LEU C 72 2.62 -7.90 3.56
C LEU C 72 3.38 -9.10 4.11
N SER C 73 2.71 -9.88 4.94
CA SER C 73 3.28 -11.12 5.48
C SER C 73 2.13 -12.12 5.60
N HIS C 74 1.98 -12.96 4.58
CA HIS C 74 1.00 -14.03 4.56
C HIS C 74 1.63 -15.24 3.91
N PRO C 75 1.26 -16.44 4.34
CA PRO C 75 1.85 -17.66 3.75
C PRO C 75 1.58 -17.81 2.25
N ASN C 76 0.51 -17.21 1.74
CA ASN C 76 0.14 -17.32 0.33
C ASN C 76 0.48 -16.05 -0.46
N ILE C 77 1.39 -15.24 0.06
CA ILE C 77 1.93 -14.09 -0.67
C ILE C 77 3.45 -14.24 -0.68
N ILE C 78 4.05 -14.10 -1.86
CA ILE C 78 5.49 -14.28 -1.98
C ILE C 78 6.21 -13.23 -1.13
N GLY C 79 7.32 -13.64 -0.52
CA GLY C 79 8.07 -12.77 0.36
C GLY C 79 9.30 -12.21 -0.33
N LEU C 80 9.59 -10.94 -0.05
CA LEU C 80 10.76 -10.24 -0.60
C LEU C 80 11.88 -10.29 0.41
N LEU C 81 12.90 -11.13 0.15
CA LEU C 81 13.99 -11.29 1.10
C LEU C 81 14.92 -10.08 1.10
N ASP C 82 15.30 -9.60 -0.07
CA ASP C 82 16.35 -8.59 -0.16
C ASP C 82 16.27 -7.88 -1.50
N ALA C 83 16.92 -6.72 -1.58
CA ALA C 83 17.07 -5.98 -2.82
C ALA C 83 18.44 -5.31 -2.84
N PHE C 84 18.94 -5.04 -4.04
CA PHE C 84 20.25 -4.41 -4.21
C PHE C 84 20.33 -3.87 -5.63
N GLY C 85 21.43 -3.17 -5.91
CA GLY C 85 21.65 -2.65 -7.25
C GLY C 85 22.75 -1.61 -7.24
N HIS C 86 22.88 -0.91 -8.37
CA HIS C 86 23.84 0.18 -8.52
C HIS C 86 23.15 1.33 -9.24
N LYS C 87 23.24 2.53 -8.64
CA LYS C 87 22.55 3.71 -9.14
C LYS C 87 21.07 3.43 -9.40
N SER C 88 20.66 3.57 -10.66
CA SER C 88 19.26 3.35 -11.02
C SER C 88 18.92 1.88 -11.22
N ASN C 89 19.93 1.01 -11.32
CA ASN C 89 19.68 -0.41 -11.48
C ASN C 89 19.37 -1.04 -10.12
N ILE C 90 18.46 -2.01 -10.11
CA ILE C 90 18.04 -2.66 -8.89
C ILE C 90 17.61 -4.09 -9.21
N SER C 91 17.87 -5.00 -8.28
CA SER C 91 17.49 -6.39 -8.40
C SER C 91 16.78 -6.82 -7.12
N LEU C 92 15.68 -7.55 -7.27
CA LEU C 92 14.90 -8.04 -6.15
C LEU C 92 15.20 -9.51 -5.90
N VAL C 93 15.17 -9.91 -4.63
CA VAL C 93 15.45 -11.28 -4.23
C VAL C 93 14.21 -11.86 -3.56
N PHE C 94 13.77 -13.02 -4.05
CA PHE C 94 12.63 -13.74 -3.49
C PHE C 94 13.05 -15.16 -3.19
N ASP C 95 12.27 -15.83 -2.35
CA ASP C 95 12.43 -17.26 -2.18
C ASP C 95 12.09 -17.97 -3.48
N PHE C 96 12.83 -19.03 -3.77
CA PHE C 96 12.65 -19.75 -5.03
C PHE C 96 11.39 -20.61 -4.99
N MET C 97 10.57 -20.49 -6.02
CA MET C 97 9.35 -21.28 -6.16
C MET C 97 9.59 -22.35 -7.21
N GLU C 98 9.16 -23.58 -6.90
CA GLU C 98 9.47 -24.71 -7.77
C GLU C 98 8.72 -24.63 -9.09
N THR C 99 7.41 -24.38 -9.04
CA THR C 99 6.58 -24.39 -10.24
C THR C 99 5.59 -23.23 -10.16
N ASP C 100 4.59 -23.28 -11.04
CA ASP C 100 3.55 -22.27 -11.14
C ASP C 100 2.29 -22.92 -11.70
N LEU C 101 1.15 -22.27 -11.48
CA LEU C 101 -0.12 -22.87 -11.88
C LEU C 101 -0.24 -23.02 -13.40
N GLU C 102 0.46 -22.18 -14.16
CA GLU C 102 0.44 -22.32 -15.62
C GLU C 102 1.04 -23.64 -16.06
N VAL C 103 2.18 -24.03 -15.48
CA VAL C 103 2.80 -25.31 -15.81
C VAL C 103 1.92 -26.47 -15.37
N ILE C 104 1.23 -26.31 -14.24
CA ILE C 104 0.31 -27.35 -13.77
C ILE C 104 -0.84 -27.53 -14.75
N ILE C 105 -1.45 -26.43 -15.17
CA ILE C 105 -2.61 -26.49 -16.05
C ILE C 105 -2.22 -27.04 -17.42
N LYS C 106 -1.11 -26.54 -17.97
CA LYS C 106 -0.69 -26.94 -19.31
C LYS C 106 -0.12 -28.36 -19.35
N ASP C 107 0.23 -28.93 -18.19
CA ASP C 107 0.76 -30.28 -18.17
C ASP C 107 -0.35 -31.30 -18.42
N ASN C 108 -0.02 -32.34 -19.18
CA ASN C 108 -1.00 -33.36 -19.56
C ASN C 108 -0.83 -34.67 -18.80
N SER C 109 0.36 -34.96 -18.29
CA SER C 109 0.56 -36.13 -17.46
C SER C 109 -0.04 -35.95 -16.07
N LEU C 110 -0.49 -34.74 -15.72
CA LEU C 110 -1.03 -34.43 -14.41
C LEU C 110 -2.56 -34.40 -14.48
N VAL C 111 -3.20 -35.07 -13.53
CA VAL C 111 -4.66 -35.08 -13.42
C VAL C 111 -5.07 -34.09 -12.35
N LEU C 112 -6.02 -33.22 -12.69
CA LEU C 112 -6.50 -32.19 -11.77
C LEU C 112 -7.82 -32.67 -11.17
N THR C 113 -7.72 -33.35 -10.03
CA THR C 113 -8.90 -33.79 -9.32
C THR C 113 -9.62 -32.61 -8.69
N PRO C 114 -10.91 -32.75 -8.36
CA PRO C 114 -11.60 -31.66 -7.66
C PRO C 114 -10.94 -31.26 -6.35
N SER C 115 -10.26 -32.19 -5.69
CA SER C 115 -9.55 -31.86 -4.45
C SER C 115 -8.36 -30.96 -4.72
N HIS C 116 -7.56 -31.27 -5.75
CA HIS C 116 -6.44 -30.40 -6.11
C HIS C 116 -6.93 -29.02 -6.52
N ILE C 117 -7.98 -28.97 -7.32
CA ILE C 117 -8.55 -27.69 -7.76
C ILE C 117 -9.03 -26.89 -6.56
N LYS C 118 -9.70 -27.56 -5.62
CA LYS C 118 -10.18 -26.88 -4.43
C LYS C 118 -9.02 -26.35 -3.60
N ALA C 119 -7.94 -27.12 -3.47
CA ALA C 119 -6.77 -26.66 -2.73
C ALA C 119 -6.16 -25.42 -3.37
N TYR C 120 -6.01 -25.44 -4.70
CA TYR C 120 -5.45 -24.27 -5.40
C TYR C 120 -6.34 -23.05 -5.20
N MET C 121 -7.65 -23.22 -5.37
CA MET C 121 -8.57 -22.10 -5.17
C MET C 121 -8.52 -21.61 -3.73
N LEU C 122 -8.41 -22.53 -2.77
CA LEU C 122 -8.39 -22.14 -1.36
C LEU C 122 -7.16 -21.29 -1.05
N MET C 123 -5.98 -21.74 -1.49
CA MET C 123 -4.77 -20.98 -1.22
C MET C 123 -4.80 -19.63 -1.92
N THR C 124 -5.24 -19.61 -3.19
CA THR C 124 -5.33 -18.34 -3.91
C THR C 124 -6.30 -17.39 -3.22
N LEU C 125 -7.44 -17.90 -2.76
CA LEU C 125 -8.43 -17.05 -2.12
C LEU C 125 -8.00 -16.60 -0.73
N GLN C 126 -7.24 -17.43 0.00
CA GLN C 126 -6.72 -16.98 1.29
C GLN C 126 -5.70 -15.86 1.11
N GLY C 127 -4.78 -16.02 0.16
CA GLY C 127 -3.87 -14.95 -0.15
C GLY C 127 -4.58 -13.70 -0.62
N LEU C 128 -5.61 -13.86 -1.44
CA LEU C 128 -6.36 -12.72 -1.94
C LEU C 128 -7.17 -12.04 -0.83
N GLU C 129 -7.70 -12.82 0.11
CA GLU C 129 -8.42 -12.24 1.23
C GLU C 129 -7.49 -11.42 2.11
N TYR C 130 -6.31 -11.95 2.40
CA TYR C 130 -5.33 -11.17 3.14
C TYR C 130 -4.95 -9.91 2.37
N LEU C 131 -4.71 -10.03 1.07
CA LEU C 131 -4.31 -8.89 0.26
C LEU C 131 -5.39 -7.82 0.23
N HIS C 132 -6.65 -8.22 0.03
CA HIS C 132 -7.75 -7.27 -0.03
C HIS C 132 -8.03 -6.65 1.33
N GLN C 133 -7.82 -7.41 2.41
CA GLN C 133 -7.98 -6.85 3.74
C GLN C 133 -7.05 -5.65 3.95
N HIS C 134 -5.85 -5.72 3.39
CA HIS C 134 -4.91 -4.63 3.43
C HIS C 134 -5.05 -3.69 2.24
N TRP C 135 -6.21 -3.70 1.58
CA TRP C 135 -6.58 -2.70 0.58
C TRP C 135 -5.59 -2.67 -0.58
N ILE C 136 -5.19 -3.84 -1.06
CA ILE C 136 -4.31 -3.97 -2.20
C ILE C 136 -4.98 -4.86 -3.24
N LEU C 137 -5.03 -4.38 -4.49
CA LEU C 137 -5.47 -5.17 -5.62
C LEU C 137 -4.25 -5.71 -6.35
N HIS C 138 -4.24 -7.01 -6.62
CA HIS C 138 -3.14 -7.61 -7.39
C HIS C 138 -3.14 -7.09 -8.82
N ARG C 139 -4.30 -7.17 -9.49
CA ARG C 139 -4.54 -6.67 -10.85
C ARG C 139 -3.71 -7.38 -11.91
N ASP C 140 -3.06 -8.50 -11.57
CA ASP C 140 -2.26 -9.21 -12.55
C ASP C 140 -2.41 -10.71 -12.34
N LEU C 141 -3.55 -11.13 -11.79
CA LEU C 141 -3.75 -12.53 -11.45
C LEU C 141 -3.87 -13.38 -12.70
N LYS C 142 -3.08 -14.45 -12.76
CA LYS C 142 -3.09 -15.39 -13.87
C LYS C 142 -2.32 -16.63 -13.42
N PRO C 143 -2.52 -17.77 -14.09
CA PRO C 143 -1.91 -19.02 -13.60
C PRO C 143 -0.40 -18.96 -13.45
N ASN C 144 0.30 -18.22 -14.31
CA ASN C 144 1.75 -18.17 -14.18
C ASN C 144 2.21 -17.24 -13.05
N ASN C 145 1.32 -16.42 -12.52
CA ASN C 145 1.62 -15.57 -11.37
C ASN C 145 1.19 -16.19 -10.06
N LEU C 146 0.70 -17.43 -10.08
CA LEU C 146 0.41 -18.19 -8.87
C LEU C 146 1.50 -19.25 -8.76
N LEU C 147 2.49 -19.00 -7.92
CA LEU C 147 3.65 -19.86 -7.83
C LEU C 147 3.44 -20.95 -6.78
N LEU C 148 4.08 -22.09 -7.00
CA LEU C 148 4.01 -23.22 -6.09
C LEU C 148 5.42 -23.60 -5.66
N ASP C 149 5.60 -23.89 -4.37
CA ASP C 149 6.88 -24.36 -3.86
C ASP C 149 6.85 -25.88 -3.72
N GLU C 150 7.96 -26.43 -3.24
CA GLU C 150 8.06 -27.88 -3.07
C GLU C 150 7.17 -28.39 -1.96
N ASN C 151 6.63 -27.51 -1.11
CA ASN C 151 5.72 -27.89 -0.05
C ASN C 151 4.27 -27.71 -0.43
N GLY C 152 3.99 -27.40 -1.69
CA GLY C 152 2.62 -27.26 -2.14
C GLY C 152 1.91 -26.01 -1.66
N VAL C 153 2.65 -24.97 -1.31
CA VAL C 153 2.08 -23.71 -0.87
C VAL C 153 2.00 -22.79 -2.08
N LEU C 154 0.81 -22.32 -2.39
CA LEU C 154 0.60 -21.38 -3.49
C LEU C 154 0.80 -19.95 -2.98
N LYS C 155 1.51 -19.15 -3.76
CA LYS C 155 1.79 -17.77 -3.40
C LYS C 155 1.48 -16.87 -4.58
N LEU C 156 0.80 -15.75 -4.31
CA LEU C 156 0.65 -14.72 -5.32
C LEU C 156 1.99 -14.02 -5.53
N ALA C 157 2.39 -13.88 -6.79
CA ALA C 157 3.64 -13.23 -7.13
C ALA C 157 3.38 -12.16 -8.18
N ASP C 158 4.45 -11.49 -8.60
CA ASP C 158 4.41 -10.45 -9.62
C ASP C 158 3.47 -9.32 -9.22
N PHE C 159 3.84 -8.63 -8.14
CA PHE C 159 3.12 -7.47 -7.66
C PHE C 159 3.51 -6.19 -8.37
N GLY C 160 4.10 -6.30 -9.56
CA GLY C 160 4.52 -5.13 -10.31
C GLY C 160 3.38 -4.24 -10.77
N LEU C 161 2.17 -4.78 -10.85
CA LEU C 161 0.99 -4.02 -11.21
C LEU C 161 0.03 -3.82 -10.04
N ALA C 162 0.37 -4.34 -8.86
CA ALA C 162 -0.52 -4.25 -7.72
C ALA C 162 -0.64 -2.80 -7.23
N LYS C 163 -1.83 -2.46 -6.74
CA LYS C 163 -2.10 -1.09 -6.35
C LYS C 163 -3.06 -1.08 -5.16
N SER C 164 -3.02 0.01 -4.42
CA SER C 164 -3.90 0.21 -3.28
C SER C 164 -5.20 0.84 -3.74
N PHE C 165 -6.32 0.24 -3.34
CA PHE C 165 -7.64 0.74 -3.67
C PHE C 165 -8.35 1.23 -2.40
N GLY C 166 -9.50 1.84 -2.60
CA GLY C 166 -10.29 2.40 -1.52
C GLY C 166 -10.20 3.91 -1.38
N SER C 167 -9.26 4.55 -2.05
CA SER C 167 -9.15 6.01 -2.02
C SER C 167 -9.91 6.59 -3.20
N PRO C 168 -10.92 7.44 -2.97
CA PRO C 168 -11.66 8.02 -4.11
C PRO C 168 -10.78 8.82 -5.06
N ASN C 169 -9.80 9.54 -4.55
CA ASN C 169 -8.94 10.38 -5.37
C ASN C 169 -7.71 9.60 -5.84
N ARG C 170 -7.98 8.54 -6.59
CA ARG C 170 -6.91 7.68 -7.10
C ARG C 170 -7.43 7.04 -8.39
N ALA C 171 -7.01 7.58 -9.53
CA ALA C 171 -7.43 7.05 -10.81
C ALA C 171 -6.56 5.87 -11.21
N TYR C 172 -7.20 4.74 -11.48
CA TYR C 172 -6.51 3.51 -11.89
C TYR C 172 -6.76 3.28 -13.37
N THR C 173 -5.70 2.94 -14.09
CA THR C 173 -5.85 2.60 -15.50
C THR C 173 -6.51 1.24 -15.66
N HIS C 174 -7.11 1.02 -16.83
CA HIS C 174 -7.82 -0.22 -17.13
C HIS C 174 -7.01 -1.19 -17.97
N GLN C 175 -5.78 -0.84 -18.33
CA GLN C 175 -4.90 -1.76 -19.03
C GLN C 175 -4.47 -2.94 -18.16
N VAL C 176 -4.70 -2.86 -16.84
CA VAL C 176 -4.25 -3.91 -15.95
C VAL C 176 -4.96 -5.23 -16.26
N VAL C 177 -4.38 -6.31 -15.76
CA VAL C 177 -4.81 -7.69 -15.99
C VAL C 177 -4.63 -8.06 -17.45
N THR C 178 -4.00 -9.21 -17.69
CA THR C 178 -3.90 -9.74 -19.05
C THR C 178 -5.30 -10.00 -19.60
N ARG C 179 -5.44 -9.78 -20.91
CA ARG C 179 -6.76 -9.69 -21.55
C ARG C 179 -7.63 -10.90 -21.23
N TRP C 180 -7.06 -12.10 -21.26
CA TRP C 180 -7.84 -13.31 -21.05
C TRP C 180 -8.50 -13.35 -19.68
N TYR C 181 -7.94 -12.62 -18.70
CA TYR C 181 -8.44 -12.60 -17.34
C TYR C 181 -9.03 -11.25 -16.96
N ARG C 182 -9.11 -10.33 -17.90
CA ARG C 182 -9.59 -8.99 -17.61
C ARG C 182 -11.11 -9.00 -17.43
N ALA C 183 -11.57 -8.37 -16.35
CA ALA C 183 -12.99 -8.33 -16.05
C ALA C 183 -13.72 -7.43 -17.03
N PRO C 184 -15.01 -7.68 -17.27
CA PRO C 184 -15.75 -6.85 -18.24
C PRO C 184 -15.81 -5.38 -17.87
N GLU C 185 -15.86 -5.05 -16.57
CA GLU C 185 -15.86 -3.64 -16.19
C GLU C 185 -14.56 -2.96 -16.62
N LEU C 186 -13.43 -3.66 -16.51
CA LEU C 186 -12.17 -3.13 -17.00
C LEU C 186 -12.22 -2.93 -18.52
N LEU C 187 -12.72 -3.93 -19.24
CA LEU C 187 -12.79 -3.85 -20.69
C LEU C 187 -13.67 -2.70 -21.17
N PHE C 188 -14.61 -2.25 -20.35
CA PHE C 188 -15.44 -1.10 -20.67
C PHE C 188 -14.82 0.21 -20.21
N GLY C 189 -13.59 0.17 -19.69
CA GLY C 189 -12.88 1.38 -19.33
C GLY C 189 -13.06 1.85 -17.91
N ALA C 190 -13.42 0.96 -16.98
CA ALA C 190 -13.59 1.33 -15.58
C ALA C 190 -12.30 1.91 -15.01
N ARG C 191 -12.32 3.19 -14.65
CA ARG C 191 -11.18 3.81 -14.01
C ARG C 191 -11.15 3.55 -12.52
N MET C 192 -12.32 3.51 -11.88
CA MET C 192 -12.44 3.20 -10.46
C MET C 192 -13.07 1.82 -10.33
N TYR C 193 -12.42 0.95 -9.57
CA TYR C 193 -12.92 -0.41 -9.38
C TYR C 193 -12.42 -0.92 -8.04
N GLY C 194 -12.86 -2.13 -7.69
CA GLY C 194 -12.53 -2.74 -6.42
C GLY C 194 -12.01 -4.16 -6.62
N VAL C 195 -12.27 -5.00 -5.61
CA VAL C 195 -11.77 -6.37 -5.63
C VAL C 195 -12.37 -7.21 -6.74
N GLY C 196 -13.38 -6.70 -7.45
CA GLY C 196 -14.02 -7.48 -8.48
C GLY C 196 -13.08 -7.89 -9.61
N VAL C 197 -12.07 -7.07 -9.90
CA VAL C 197 -11.13 -7.43 -10.96
C VAL C 197 -10.35 -8.69 -10.57
N ASP C 198 -9.88 -8.74 -9.33
CA ASP C 198 -9.17 -9.93 -8.86
C ASP C 198 -10.08 -11.15 -8.83
N MET C 199 -11.34 -10.96 -8.41
CA MET C 199 -12.25 -12.10 -8.32
C MET C 199 -12.65 -12.62 -9.69
N TRP C 200 -12.80 -11.73 -10.67
CA TRP C 200 -13.05 -12.20 -12.04
C TRP C 200 -11.84 -12.94 -12.58
N ALA C 201 -10.63 -12.44 -12.30
CA ALA C 201 -9.43 -13.17 -12.68
C ALA C 201 -9.40 -14.55 -12.02
N VAL C 202 -9.81 -14.62 -10.76
CA VAL C 202 -9.86 -15.90 -10.04
C VAL C 202 -10.86 -16.83 -10.68
N GLY C 203 -12.01 -16.31 -11.11
CA GLY C 203 -12.98 -17.13 -11.81
C GLY C 203 -12.43 -17.66 -13.13
N CYS C 204 -11.71 -16.81 -13.86
CA CYS C 204 -11.07 -17.27 -15.10
C CYS C 204 -10.03 -18.34 -14.82
N ILE C 205 -9.28 -18.18 -13.73
CA ILE C 205 -8.28 -19.18 -13.35
C ILE C 205 -8.96 -20.49 -12.99
N LEU C 206 -10.08 -20.43 -12.27
CA LEU C 206 -10.82 -21.63 -11.93
C LEU C 206 -11.36 -22.33 -13.18
N ALA C 207 -11.89 -21.55 -14.13
CA ALA C 207 -12.34 -22.12 -15.40
C ALA C 207 -11.19 -22.78 -16.14
N GLU C 208 -10.01 -22.14 -16.13
CA GLU C 208 -8.84 -22.75 -16.76
C GLU C 208 -8.45 -24.04 -16.07
N LEU C 209 -8.53 -24.08 -14.74
CA LEU C 209 -8.23 -25.31 -14.01
C LEU C 209 -9.20 -26.41 -14.38
N LEU C 210 -10.48 -26.08 -14.54
CA LEU C 210 -11.48 -27.08 -14.85
C LEU C 210 -11.34 -27.59 -16.28
N LEU C 211 -11.11 -26.70 -17.25
CA LEU C 211 -11.06 -27.07 -18.65
C LEU C 211 -9.66 -27.34 -19.17
N ARG C 212 -8.62 -26.98 -18.42
CA ARG C 212 -7.21 -27.11 -18.79
C ARG C 212 -6.83 -26.24 -19.98
N VAL C 213 -7.72 -25.36 -20.42
CA VAL C 213 -7.42 -24.38 -21.47
C VAL C 213 -7.93 -23.02 -20.99
N PRO C 214 -7.40 -21.93 -21.55
CA PRO C 214 -7.91 -20.61 -21.17
C PRO C 214 -9.40 -20.49 -21.48
N PHE C 215 -10.13 -19.88 -20.55
CA PHE C 215 -11.59 -19.81 -20.67
C PHE C 215 -12.02 -18.91 -21.82
N LEU C 216 -11.45 -17.70 -21.87
CA LEU C 216 -11.90 -16.66 -22.79
C LEU C 216 -10.69 -16.09 -23.53
N PRO C 217 -10.17 -16.83 -24.51
CA PRO C 217 -8.92 -16.45 -25.20
C PRO C 217 -9.15 -15.40 -26.28
N GLY C 218 -9.54 -14.20 -25.86
CA GLY C 218 -9.72 -13.12 -26.82
C GLY C 218 -8.39 -12.62 -27.35
N ASP C 219 -8.41 -12.17 -28.60
CA ASP C 219 -7.23 -11.57 -29.23
C ASP C 219 -7.29 -10.05 -29.30
N SER C 220 -8.37 -9.46 -28.82
CA SER C 220 -8.51 -8.01 -28.74
C SER C 220 -9.51 -7.70 -27.64
N ASP C 221 -9.56 -6.42 -27.25
CA ASP C 221 -10.53 -6.00 -26.25
C ASP C 221 -11.95 -6.28 -26.72
N LEU C 222 -12.25 -5.92 -27.97
CA LEU C 222 -13.57 -6.22 -28.53
C LEU C 222 -13.80 -7.71 -28.60
N ASP C 223 -12.78 -8.47 -29.00
CA ASP C 223 -12.92 -9.93 -29.05
C ASP C 223 -13.11 -10.51 -27.66
N GLN C 224 -12.40 -9.96 -26.65
CA GLN C 224 -12.58 -10.45 -25.29
C GLN C 224 -14.00 -10.19 -24.80
N LEU C 225 -14.52 -8.99 -25.06
CA LEU C 225 -15.89 -8.68 -24.68
C LEU C 225 -16.90 -9.56 -25.42
N THR C 226 -16.64 -9.82 -26.70
CA THR C 226 -17.50 -10.70 -27.48
C THR C 226 -17.52 -12.12 -26.90
N ARG C 227 -16.34 -12.66 -26.58
CA ARG C 227 -16.28 -13.99 -26.00
C ARG C 227 -16.98 -14.04 -24.65
N ILE C 228 -16.79 -13.00 -23.83
CA ILE C 228 -17.45 -12.95 -22.53
C ILE C 228 -18.96 -12.94 -22.70
N PHE C 229 -19.47 -12.07 -23.56
CA PHE C 229 -20.91 -11.93 -23.72
C PHE C 229 -21.52 -13.11 -24.48
N GLU C 230 -20.72 -13.89 -25.20
CA GLU C 230 -21.25 -15.05 -25.90
C GLU C 230 -21.24 -16.30 -25.02
N THR C 231 -20.21 -16.47 -24.19
CA THR C 231 -20.17 -17.63 -23.30
C THR C 231 -21.13 -17.47 -22.13
N LEU C 232 -21.21 -16.27 -21.56
CA LEU C 232 -22.00 -16.04 -20.36
C LEU C 232 -23.25 -15.21 -20.62
N GLY C 233 -23.55 -14.90 -21.87
CA GLY C 233 -24.72 -14.09 -22.17
C GLY C 233 -24.47 -12.61 -21.99
N THR C 234 -24.98 -11.79 -22.89
CA THR C 234 -24.84 -10.34 -22.76
C THR C 234 -25.58 -9.89 -21.50
N PRO C 235 -24.91 -9.21 -20.57
CA PRO C 235 -25.60 -8.76 -19.36
C PRO C 235 -26.62 -7.68 -19.68
N THR C 236 -27.73 -7.72 -18.94
CA THR C 236 -28.81 -6.78 -19.14
C THR C 236 -28.65 -5.59 -18.20
N GLU C 237 -29.54 -4.59 -18.35
CA GLU C 237 -29.52 -3.46 -17.44
C GLU C 237 -29.96 -3.84 -16.03
N GLU C 238 -30.50 -5.05 -15.84
CA GLU C 238 -30.83 -5.56 -14.52
C GLU C 238 -29.68 -6.29 -13.86
N GLN C 239 -28.81 -6.93 -14.64
CA GLN C 239 -27.63 -7.60 -14.10
C GLN C 239 -26.49 -6.64 -13.81
N TRP C 240 -26.58 -5.39 -14.27
CA TRP C 240 -25.49 -4.43 -14.20
C TRP C 240 -26.09 -3.04 -14.37
N PRO C 241 -26.64 -2.46 -13.29
CA PRO C 241 -27.51 -1.28 -13.45
C PRO C 241 -26.88 -0.10 -14.16
N ASP C 242 -25.60 0.19 -13.91
CA ASP C 242 -24.94 1.35 -14.50
C ASP C 242 -23.98 0.94 -15.63
N MET C 243 -24.20 -0.23 -16.22
CA MET C 243 -23.31 -0.75 -17.26
C MET C 243 -23.10 0.27 -18.38
N CYS C 244 -24.16 0.97 -18.78
CA CYS C 244 -24.07 1.91 -19.88
C CYS C 244 -23.30 3.18 -19.54
N SER C 245 -22.98 3.39 -18.26
CA SER C 245 -22.26 4.60 -17.86
C SER C 245 -20.75 4.47 -17.97
N LEU C 246 -20.24 3.28 -18.28
CA LEU C 246 -18.81 3.08 -18.36
C LEU C 246 -18.23 3.81 -19.58
N PRO C 247 -16.94 4.17 -19.53
CA PRO C 247 -16.39 5.03 -20.60
C PRO C 247 -16.40 4.39 -21.98
N ASP C 248 -15.89 3.17 -22.10
CA ASP C 248 -15.82 2.48 -23.39
C ASP C 248 -16.96 1.50 -23.58
N TYR C 249 -18.15 1.85 -23.09
CA TYR C 249 -19.30 0.96 -23.19
C TYR C 249 -19.78 0.89 -24.64
N VAL C 250 -19.94 -0.34 -25.15
CA VAL C 250 -20.39 -0.58 -26.52
C VAL C 250 -21.58 -1.53 -26.46
N THR C 251 -22.67 -1.16 -27.13
CA THR C 251 -23.84 -2.01 -27.17
C THR C 251 -23.53 -3.28 -27.94
N PHE C 252 -23.88 -4.42 -27.36
CA PHE C 252 -23.60 -5.73 -27.95
C PHE C 252 -24.91 -6.46 -28.22
N LYS C 253 -24.89 -7.31 -29.25
CA LYS C 253 -26.06 -8.13 -29.54
C LYS C 253 -26.28 -9.13 -28.40
N SER C 254 -27.55 -9.51 -28.22
CA SER C 254 -27.95 -10.30 -27.06
C SER C 254 -27.66 -11.78 -27.29
N PHE C 255 -26.77 -12.34 -26.48
CA PHE C 255 -26.52 -13.77 -26.50
C PHE C 255 -27.25 -14.45 -25.34
N PRO C 256 -27.83 -15.63 -25.56
CA PRO C 256 -28.38 -16.39 -24.44
C PRO C 256 -27.34 -16.79 -23.41
N GLY C 257 -26.13 -17.10 -23.84
CA GLY C 257 -25.10 -17.59 -22.94
C GLY C 257 -25.23 -19.08 -22.71
N ILE C 258 -24.11 -19.79 -22.73
CA ILE C 258 -24.14 -21.24 -22.52
C ILE C 258 -24.41 -21.52 -21.04
N PRO C 259 -25.32 -22.44 -20.70
CA PRO C 259 -25.48 -22.81 -19.30
C PRO C 259 -24.18 -23.35 -18.72
N LEU C 260 -23.91 -22.99 -17.47
CA LEU C 260 -22.61 -23.30 -16.88
C LEU C 260 -22.42 -24.80 -16.67
N HIS C 261 -23.51 -25.55 -16.44
CA HIS C 261 -23.36 -26.98 -16.24
C HIS C 261 -22.99 -27.71 -17.53
N HIS C 262 -23.27 -27.11 -18.69
CA HIS C 262 -22.79 -27.69 -19.95
C HIS C 262 -21.31 -27.40 -20.16
N ILE C 263 -20.86 -26.20 -19.81
CA ILE C 263 -19.43 -25.87 -19.91
C ILE C 263 -18.62 -26.76 -18.98
N PHE C 264 -19.06 -26.88 -17.72
CA PHE C 264 -18.38 -27.66 -16.70
C PHE C 264 -19.30 -28.82 -16.33
N SER C 265 -19.19 -29.92 -17.08
CA SER C 265 -20.10 -31.05 -16.88
C SER C 265 -19.77 -31.81 -15.59
N ALA C 266 -18.48 -31.94 -15.28
CA ALA C 266 -18.08 -32.69 -14.09
C ALA C 266 -18.28 -31.89 -12.80
N ALA C 267 -18.42 -30.58 -12.89
CA ALA C 267 -18.52 -29.76 -11.69
C ALA C 267 -19.85 -30.00 -10.97
N GLY C 268 -19.78 -30.08 -9.64
CA GLY C 268 -20.98 -30.21 -8.84
C GLY C 268 -21.65 -28.87 -8.59
N ASP C 269 -22.87 -28.95 -8.03
CA ASP C 269 -23.71 -27.76 -7.89
C ASP C 269 -23.02 -26.67 -7.06
N ASP C 270 -22.28 -27.06 -6.02
CA ASP C 270 -21.57 -26.08 -5.22
C ASP C 270 -20.50 -25.35 -6.05
N LEU C 271 -19.78 -26.11 -6.88
CA LEU C 271 -18.79 -25.48 -7.76
C LEU C 271 -19.47 -24.54 -8.75
N LEU C 272 -20.63 -24.93 -9.29
CA LEU C 272 -21.35 -24.03 -10.19
C LEU C 272 -21.79 -22.76 -9.46
N ASP C 273 -22.22 -22.89 -8.21
CA ASP C 273 -22.59 -21.71 -7.43
C ASP C 273 -21.40 -20.79 -7.26
N LEU C 274 -20.24 -21.34 -6.93
CA LEU C 274 -19.03 -20.53 -6.78
C LEU C 274 -18.66 -19.85 -8.10
N ILE C 275 -18.70 -20.59 -9.20
CA ILE C 275 -18.33 -20.04 -10.49
C ILE C 275 -19.28 -18.92 -10.89
N GLN C 276 -20.58 -19.11 -10.69
CA GLN C 276 -21.56 -18.07 -10.98
C GLN C 276 -21.30 -16.83 -10.12
N GLY C 277 -20.99 -17.03 -8.84
CA GLY C 277 -20.64 -15.89 -8.01
C GLY C 277 -19.41 -15.15 -8.52
N LEU C 278 -18.40 -15.90 -8.94
CA LEU C 278 -17.16 -15.29 -9.44
C LEU C 278 -17.37 -14.60 -10.78
N PHE C 279 -18.35 -15.05 -11.56
CA PHE C 279 -18.58 -14.51 -12.89
C PHE C 279 -19.86 -13.67 -12.98
N LEU C 280 -20.33 -13.13 -11.85
CA LEU C 280 -21.40 -12.16 -11.91
C LEU C 280 -20.92 -10.92 -12.66
N PHE C 281 -21.81 -10.35 -13.49
CA PHE C 281 -21.44 -9.20 -14.29
C PHE C 281 -21.36 -7.92 -13.47
N ASN C 282 -22.21 -7.78 -12.47
CA ASN C 282 -22.12 -6.63 -11.57
C ASN C 282 -20.93 -6.83 -10.64
N PRO C 283 -19.89 -5.97 -10.71
CA PRO C 283 -18.75 -6.15 -9.81
C PRO C 283 -19.10 -6.01 -8.34
N CYS C 284 -20.08 -5.17 -8.01
CA CYS C 284 -20.53 -5.08 -6.62
C CYS C 284 -21.13 -6.39 -6.15
N ALA C 285 -21.96 -7.02 -6.98
CA ALA C 285 -22.56 -8.29 -6.62
C ALA C 285 -21.57 -9.45 -6.70
N ARG C 286 -20.50 -9.31 -7.48
CA ARG C 286 -19.49 -10.36 -7.59
C ARG C 286 -18.94 -10.71 -6.22
N ILE C 287 -18.78 -12.00 -5.96
CA ILE C 287 -18.41 -12.47 -4.63
C ILE C 287 -16.98 -12.05 -4.29
N THR C 288 -16.78 -11.58 -3.06
CA THR C 288 -15.46 -11.24 -2.58
C THR C 288 -14.70 -12.50 -2.20
N ALA C 289 -13.40 -12.32 -1.89
CA ALA C 289 -12.58 -13.45 -1.47
C ALA C 289 -13.11 -14.07 -0.18
N THR C 290 -13.49 -13.23 0.78
CA THR C 290 -14.08 -13.75 2.01
C THR C 290 -15.38 -14.49 1.74
N GLN C 291 -16.25 -13.91 0.90
CA GLN C 291 -17.51 -14.56 0.58
C GLN C 291 -17.29 -15.88 -0.13
N ALA C 292 -16.34 -15.92 -1.06
CA ALA C 292 -16.03 -17.18 -1.73
C ALA C 292 -15.50 -18.21 -0.74
N LEU C 293 -14.65 -17.79 0.19
CA LEU C 293 -14.12 -18.70 1.19
C LEU C 293 -15.24 -19.27 2.08
N LYS C 294 -16.28 -18.49 2.32
CA LYS C 294 -17.41 -18.94 3.14
C LYS C 294 -18.39 -19.80 2.36
N MET C 295 -18.20 -19.96 1.05
CA MET C 295 -19.13 -20.75 0.25
C MET C 295 -19.07 -22.22 0.63
N LYS C 296 -20.17 -22.91 0.36
CA LYS C 296 -20.28 -24.33 0.73
C LYS C 296 -19.32 -25.21 -0.07
N TYR C 297 -18.86 -24.75 -1.24
CA TYR C 297 -17.98 -25.55 -2.07
C TYR C 297 -16.72 -25.95 -1.30
N PHE C 298 -16.14 -25.02 -0.55
CA PHE C 298 -14.90 -25.31 0.15
C PHE C 298 -15.11 -26.18 1.39
N SER C 299 -16.26 -26.05 2.05
CA SER C 299 -16.51 -26.84 3.25
C SER C 299 -17.10 -28.22 2.97
N ASN C 300 -17.53 -28.49 1.74
CA ASN C 300 -18.05 -29.80 1.40
C ASN C 300 -16.91 -30.79 1.20
N ARG C 301 -17.26 -32.07 1.21
CA ARG C 301 -16.26 -33.10 0.94
C ARG C 301 -16.25 -33.46 -0.55
N PRO C 302 -15.10 -33.86 -1.09
CA PRO C 302 -13.79 -34.03 -0.44
C PRO C 302 -13.14 -32.69 -0.09
N GLY C 303 -12.33 -32.67 0.95
CA GLY C 303 -11.62 -31.48 1.33
C GLY C 303 -10.42 -31.24 0.43
N PRO C 304 -9.86 -30.03 0.52
CA PRO C 304 -8.67 -29.72 -0.27
C PRO C 304 -7.52 -30.64 0.08
N THR C 305 -6.81 -31.09 -0.95
CA THR C 305 -5.65 -31.94 -0.72
C THR C 305 -4.55 -31.16 -0.01
N PRO C 306 -3.79 -31.81 0.87
CA PRO C 306 -2.66 -31.13 1.51
C PRO C 306 -1.61 -30.75 0.48
N GLY C 307 -0.88 -29.67 0.77
CA GLY C 307 0.13 -29.18 -0.15
C GLY C 307 1.16 -30.22 -0.52
N CYS C 308 1.48 -31.13 0.40
CA CYS C 308 2.47 -32.16 0.12
C CYS C 308 1.99 -33.14 -0.93
N GLN C 309 0.69 -33.40 -1.00
CA GLN C 309 0.13 -34.36 -1.95
C GLN C 309 -0.32 -33.71 -3.25
N LEU C 310 -0.09 -32.41 -3.43
CA LEU C 310 -0.45 -31.75 -4.67
C LEU C 310 0.42 -32.26 -5.82
N PRO C 311 -0.07 -32.23 -7.06
CA PRO C 311 0.67 -32.81 -8.17
C PRO C 311 1.94 -32.03 -8.49
N ARG C 312 3.02 -32.76 -8.74
CA ARG C 312 4.32 -32.19 -9.06
C ARG C 312 4.65 -32.48 -10.52
N PRO C 313 4.80 -31.47 -11.38
CA PRO C 313 5.11 -31.67 -12.80
C PRO C 313 6.59 -31.99 -13.03
C10 X3Z D . 8.96 -21.37 -11.27
C13 X3Z D . 12.05 -23.35 -12.28
C15 X3Z D . 10.84 -22.76 -14.27
C21 X3Z D . 8.25 -15.13 -13.24
C22 X3Z D . 9.26 -15.08 -14.37
C24 X3Z D . 6.94 -14.51 -13.71
C26 X3Z D . 6.27 -13.80 -12.53
C01 X3Z D . 10.73 -13.96 -9.16
C02 X3Z D . 10.14 -14.80 -8.04
C03 X3Z D . 8.76 -14.29 -7.64
C04 X3Z D . 10.12 -16.28 -8.39
C05 X3Z D . 10.58 -17.33 -7.61
C08 X3Z D . 9.40 -19.02 -10.48
C11 X3Z D . 10.01 -22.09 -12.12
C12 X3Z D . 11.09 -22.70 -11.51
C14 X3Z D . 11.92 -23.39 -13.66
C16 X3Z D . 9.88 -22.12 -13.50
C18 X3Z D . 8.80 -18.49 -11.62
C19 X3Z D . 8.64 -17.10 -11.70
C29 X3Z D . 9.61 -16.88 -9.60
N06 X3Z D . 10.38 -18.46 -8.26
N07 X3Z D . 9.78 -18.17 -9.50
N09 X3Z D . 9.60 -20.44 -10.35
N20 X3Z D . 8.02 -16.51 -12.88
N28 X3Z D . 9.03 -16.33 -10.69
O23 X3Z D . 10.04 -16.24 -14.32
O25 X3Z D . 7.19 -13.60 -14.73
O27 X3Z D . 6.15 -14.70 -11.47
BR17 X3Z D . 8.36 -21.26 -14.34
#